data_5EUD
#
_entry.id   5EUD
#
_cell.length_a   83.940
_cell.length_b   85.126
_cell.length_c   129.507
_cell.angle_alpha   90.00
_cell.angle_beta   90.00
_cell.angle_gamma   90.00
#
_symmetry.space_group_name_H-M   'P 21 21 21'
#
loop_
_entity.id
_entity.type
_entity.pdbx_description
1 polymer 'Putative sphingosine-1-phosphate lyase'
2 non-polymer 'PHOSPHATE ION'
3 non-polymer ~{N}-[(1~{S})-2-[(4-methoxy-2,5-dimethyl-phenyl)methylamino]-1-[4-(3-oxidanylprop-1-ynyl)phenyl]ethyl]-5-methyl-1,2-oxazole-3-carboxamide
4 water water
#
_entity_poly.entity_id   1
_entity_poly.type   'polypeptide(L)'
_entity_poly.pdbx_seq_one_letter_code
;MPLSAFSPPLPCDPARSHPTPEFPSSLQDYCEIRGIQSQPPARRDPTMDWLASLRSQIKPYRDRFPSHARLPRAGLPRAE
ILAEIAAMGAAESPAWRDGYASGAVYHGDEHHIAFLNEVYALQSQSNPLHPDLWPSTAKFEAEVVAMTAHMLGGDAAGGT
VCGTVTSGGTESLLLAMKTYRDWARATKGITAPEAVVPVSAHAAFDKAAQYFGIKLVRTPLDADYRADVAAMREAITPNT
VVVAGSAPGFPHGVVDPIPEIAALAAEHGIGCHVDACLGGFILPWAERLGYPVPPFDFRLEGVTSVSADTH(LLP)YGYG
AKGTSVILYRRPDLLHYQYFIAADWPGGIYASPTFAGSRPGALSATAWAAMLSLGEEGYLDATRRILQAADRLKAGVRAI
PSLKILGDPLWVIAVASDELNIYQVMEEMAGRGWRLNGLHRPPAFHVALTLRHTEPGVVDRFLADLQDAVAQVRAHPEKA
TGMAPVYGMAAAAPPELVRQVSTGFIDLLYEVHHHHHH
;
_entity_poly.pdbx_strand_id   A,B
#
# COMPACT_ATOMS: atom_id res chain seq x y z
N SER A 56 -0.19 -0.80 27.53
CA SER A 56 -1.54 -0.27 27.44
C SER A 56 -1.58 1.27 27.28
N GLN A 57 -0.39 1.88 27.00
CA GLN A 57 -0.22 3.32 26.71
C GLN A 57 -0.37 3.47 25.18
N ILE A 58 -0.78 2.35 24.55
CA ILE A 58 -1.08 2.14 23.14
C ILE A 58 -2.61 2.32 22.96
N LYS A 59 -3.33 2.42 24.10
CA LYS A 59 -4.77 2.63 24.19
C LYS A 59 -5.12 3.75 25.25
N PRO A 60 -4.50 4.97 25.18
CA PRO A 60 -4.77 5.99 26.22
C PRO A 60 -6.02 6.86 26.04
N TYR A 61 -6.83 6.61 25.00
CA TYR A 61 -8.04 7.43 24.78
C TYR A 61 -9.31 6.69 25.17
N ARG A 62 -9.14 5.51 25.78
CA ARG A 62 -10.18 4.61 26.27
C ARG A 62 -11.22 5.39 27.11
N ASP A 63 -10.72 6.23 28.05
CA ASP A 63 -11.56 7.06 28.91
C ASP A 63 -11.50 8.57 28.58
N ARG A 64 -11.00 8.94 27.38
CA ARG A 64 -10.91 10.36 26.97
C ARG A 64 -11.94 10.69 25.91
N PHE A 65 -12.11 9.84 24.90
CA PHE A 65 -13.06 10.08 23.83
C PHE A 65 -13.99 8.89 23.68
N PRO A 66 -15.27 9.12 23.29
CA PRO A 66 -16.20 7.99 23.13
C PRO A 66 -15.69 6.93 22.14
N SER A 67 -15.89 5.65 22.45
CA SER A 67 -15.47 4.60 21.52
C SER A 67 -16.56 4.36 20.46
N HIS A 68 -16.20 3.76 19.31
CA HIS A 68 -17.15 3.49 18.22
C HIS A 68 -17.00 2.07 17.71
N ALA A 69 -17.89 1.17 18.15
CA ALA A 69 -17.83 -0.22 17.70
C ALA A 69 -18.85 -0.45 16.60
N ARG A 70 -19.74 0.54 16.39
CA ARG A 70 -20.84 0.55 15.44
C ARG A 70 -20.98 1.93 14.87
N LEU A 71 -21.49 2.05 13.63
CA LEU A 71 -21.71 3.38 13.04
C LEU A 71 -22.75 4.14 13.89
N PRO A 72 -22.59 5.44 14.20
CA PRO A 72 -23.71 6.16 14.84
C PRO A 72 -24.93 6.15 13.90
N ARG A 73 -26.14 6.30 14.43
CA ARG A 73 -27.34 6.30 13.57
C ARG A 73 -27.33 7.58 12.73
N ALA A 74 -27.14 8.71 13.41
CA ALA A 74 -27.07 10.00 12.73
C ALA A 74 -25.58 10.34 12.60
N GLY A 75 -25.21 10.95 11.49
CA GLY A 75 -23.84 11.42 11.29
C GLY A 75 -23.44 12.41 12.35
N LEU A 76 -22.21 12.32 12.85
CA LEU A 76 -21.67 13.20 13.88
C LEU A 76 -21.19 14.53 13.26
N PRO A 77 -21.32 15.70 13.93
CA PRO A 77 -20.84 16.96 13.32
C PRO A 77 -19.35 16.92 12.94
N ARG A 78 -19.01 17.49 11.78
CA ARG A 78 -17.63 17.57 11.27
C ARG A 78 -16.70 18.29 12.25
N ALA A 79 -17.18 19.40 12.87
CA ALA A 79 -16.42 20.17 13.86
C ALA A 79 -16.06 19.34 15.10
N GLU A 80 -16.94 18.42 15.51
CA GLU A 80 -16.69 17.52 16.64
C GLU A 80 -15.65 16.43 16.28
N ILE A 81 -15.71 15.90 15.04
CA ILE A 81 -14.75 14.90 14.58
C ILE A 81 -13.37 15.58 14.53
N LEU A 82 -13.31 16.78 13.94
CA LEU A 82 -12.09 17.57 13.81
C LEU A 82 -11.49 17.95 15.15
N ALA A 83 -12.35 18.25 16.17
CA ALA A 83 -11.94 18.65 17.52
C ALA A 83 -11.20 17.51 18.22
N GLU A 84 -11.72 16.27 18.09
CA GLU A 84 -11.14 15.05 18.68
C GLU A 84 -9.78 14.74 18.06
N ILE A 85 -9.72 14.79 16.71
CA ILE A 85 -8.49 14.50 15.95
C ILE A 85 -7.42 15.52 16.32
N ALA A 86 -7.78 16.83 16.34
CA ALA A 86 -6.86 17.92 16.74
C ALA A 86 -6.41 17.78 18.20
N ALA A 87 -7.29 17.28 19.10
CA ALA A 87 -7.00 17.04 20.52
C ALA A 87 -5.95 15.93 20.69
N MET A 88 -6.02 14.88 19.88
CA MET A 88 -5.06 13.77 19.88
C MET A 88 -3.74 14.28 19.30
N GLY A 89 -3.82 15.16 18.29
CA GLY A 89 -2.65 15.82 17.71
C GLY A 89 -1.88 16.66 18.72
N ALA A 90 -2.60 17.37 19.62
CA ALA A 90 -2.01 18.17 20.71
C ALA A 90 -1.24 17.26 21.69
N ALA A 91 -1.71 16.03 21.87
CA ALA A 91 -1.04 15.08 22.77
C ALA A 91 0.16 14.37 22.13
N GLU A 92 0.10 14.13 20.82
CA GLU A 92 1.05 13.29 20.09
C GLU A 92 2.18 14.01 19.40
N SER A 93 1.88 15.15 18.78
CA SER A 93 2.84 15.95 18.02
C SER A 93 4.12 16.34 18.79
N PRO A 94 4.11 16.74 20.12
CA PRO A 94 5.38 17.16 20.77
C PRO A 94 6.51 16.12 20.78
N ALA A 95 6.16 14.83 20.92
CA ALA A 95 7.15 13.74 20.91
C ALA A 95 8.03 13.78 19.64
N TRP A 96 7.43 13.87 18.44
CA TRP A 96 8.23 13.91 17.20
C TRP A 96 8.70 15.32 16.82
N ARG A 97 7.84 16.34 17.05
CA ARG A 97 8.13 17.75 16.74
C ARG A 97 9.36 18.24 17.50
N ASP A 98 9.46 17.86 18.79
CA ASP A 98 10.54 18.33 19.64
C ASP A 98 11.77 17.39 19.68
N GLY A 99 11.87 16.45 18.72
CA GLY A 99 13.06 15.62 18.56
C GLY A 99 13.26 14.45 19.52
N TYR A 100 12.20 13.95 20.13
CA TYR A 100 12.29 12.79 21.02
C TYR A 100 12.16 11.43 20.31
N ALA A 101 11.78 11.40 19.01
CA ALA A 101 11.60 10.15 18.26
C ALA A 101 12.74 9.81 17.35
N SER A 102 13.26 8.57 17.47
CA SER A 102 14.28 8.04 16.56
C SER A 102 13.53 7.76 15.24
N GLY A 103 14.05 8.25 14.11
CA GLY A 103 13.38 8.13 12.80
C GLY A 103 11.96 8.66 12.88
N ALA A 104 10.96 7.87 12.45
CA ALA A 104 9.51 8.14 12.51
C ALA A 104 9.02 9.35 11.70
N VAL A 105 9.58 10.56 11.93
CA VAL A 105 9.25 11.79 11.20
C VAL A 105 10.59 12.30 10.73
N TYR A 106 10.80 12.36 9.41
CA TYR A 106 12.11 12.71 8.84
C TYR A 106 12.36 14.20 8.64
N HIS A 107 11.35 14.97 8.23
CA HIS A 107 11.54 16.41 8.06
C HIS A 107 10.92 17.05 9.32
N GLY A 108 9.59 17.13 9.40
CA GLY A 108 8.89 17.63 10.56
C GLY A 108 8.80 19.14 10.78
N ASP A 109 9.23 19.96 9.81
CA ASP A 109 9.13 21.42 9.95
C ASP A 109 7.70 21.77 9.59
N GLU A 110 7.08 22.71 10.33
CA GLU A 110 5.67 23.05 10.15
C GLU A 110 5.37 23.65 8.80
N HIS A 111 6.30 24.47 8.21
CA HIS A 111 6.09 25.07 6.90
C HIS A 111 6.20 24.03 5.76
N HIS A 112 7.11 23.04 5.91
CA HIS A 112 7.28 21.97 4.91
C HIS A 112 6.03 21.03 4.96
N ILE A 113 5.55 20.71 6.18
CA ILE A 113 4.34 19.90 6.42
C ILE A 113 3.10 20.62 5.84
N ALA A 114 2.98 21.92 6.11
CA ALA A 114 1.85 22.71 5.61
C ALA A 114 1.86 22.77 4.10
N PHE A 115 3.07 22.84 3.50
CA PHE A 115 3.29 22.83 2.05
C PHE A 115 2.82 21.49 1.46
N LEU A 116 3.21 20.36 2.08
CA LEU A 116 2.80 19.02 1.61
C LEU A 116 1.33 18.71 1.85
N ASN A 117 0.72 19.24 2.94
CA ASN A 117 -0.72 19.09 3.24
C ASN A 117 -1.55 19.80 2.17
N GLU A 118 -1.04 20.91 1.65
CA GLU A 118 -1.68 21.67 0.58
C GLU A 118 -1.57 20.90 -0.74
N VAL A 119 -0.43 20.23 -0.98
CA VAL A 119 -0.19 19.42 -2.18
C VAL A 119 -1.18 18.24 -2.15
N TYR A 120 -1.32 17.60 -0.99
CA TYR A 120 -2.26 16.51 -0.81
C TYR A 120 -3.67 17.00 -1.19
N ALA A 121 -4.11 18.15 -0.61
CA ALA A 121 -5.42 18.75 -0.81
C ALA A 121 -5.74 18.99 -2.29
N LEU A 122 -4.77 19.53 -3.04
CA LEU A 122 -4.91 19.79 -4.48
C LEU A 122 -5.02 18.52 -5.33
N GLN A 123 -4.42 17.42 -4.86
CA GLN A 123 -4.35 16.13 -5.55
C GLN A 123 -5.11 14.98 -4.85
N SER A 124 -5.93 15.29 -3.81
CA SER A 124 -6.64 14.31 -2.96
C SER A 124 -7.46 13.25 -3.72
N GLN A 125 -8.12 13.64 -4.81
CA GLN A 125 -8.95 12.72 -5.62
C GLN A 125 -8.14 11.82 -6.55
N SER A 126 -6.85 12.10 -6.71
CA SER A 126 -5.99 11.35 -7.61
C SER A 126 -5.87 9.84 -7.32
N ASN A 127 -6.16 9.05 -8.36
CA ASN A 127 -6.02 7.61 -8.36
C ASN A 127 -5.22 7.22 -9.64
N PRO A 128 -3.91 6.85 -9.49
CA PRO A 128 -3.07 6.53 -10.67
C PRO A 128 -3.49 5.33 -11.54
N LEU A 129 -4.47 4.54 -11.07
CA LEU A 129 -5.08 3.43 -11.82
C LEU A 129 -5.76 4.01 -13.08
N HIS A 130 -6.17 5.32 -13.02
CA HIS A 130 -6.81 6.08 -14.09
C HIS A 130 -5.88 7.21 -14.64
N PRO A 131 -4.78 6.89 -15.38
CA PRO A 131 -3.91 7.97 -15.90
C PRO A 131 -4.60 8.91 -16.91
N ASP A 132 -5.71 8.44 -17.51
CA ASP A 132 -6.52 9.19 -18.46
C ASP A 132 -7.23 10.32 -17.71
N LEU A 133 -7.60 10.10 -16.44
CA LEU A 133 -8.27 11.08 -15.57
C LEU A 133 -7.29 11.96 -14.83
N TRP A 134 -6.20 11.35 -14.33
CA TRP A 134 -5.15 12.09 -13.63
C TRP A 134 -3.79 11.99 -14.36
N PRO A 135 -3.64 12.57 -15.58
CA PRO A 135 -2.32 12.52 -16.23
C PRO A 135 -1.23 13.23 -15.43
N SER A 136 -1.61 14.22 -14.60
CA SER A 136 -0.71 14.96 -13.70
C SER A 136 0.12 13.99 -12.84
N THR A 137 -0.55 13.03 -12.19
CA THR A 137 -0.01 12.04 -11.26
C THR A 137 0.92 11.06 -11.95
N ALA A 138 0.62 10.70 -13.21
CA ALA A 138 1.48 9.83 -14.02
C ALA A 138 2.78 10.59 -14.29
N LYS A 139 2.68 11.92 -14.54
CA LYS A 139 3.82 12.80 -14.73
C LYS A 139 4.67 12.86 -13.44
N PHE A 140 4.02 13.05 -12.27
CA PHE A 140 4.72 13.10 -10.98
C PHE A 140 5.48 11.81 -10.68
N GLU A 141 4.85 10.64 -10.89
CA GLU A 141 5.48 9.33 -10.64
C GLU A 141 6.66 9.05 -11.59
N ALA A 142 6.49 9.35 -12.88
CA ALA A 142 7.56 9.21 -13.89
C ALA A 142 8.76 10.10 -13.52
N GLU A 143 8.48 11.33 -13.07
CA GLU A 143 9.51 12.30 -12.70
C GLU A 143 10.19 11.99 -11.39
N VAL A 144 9.46 11.42 -10.43
CA VAL A 144 10.04 10.97 -9.15
C VAL A 144 11.08 9.87 -9.43
N VAL A 145 10.68 8.86 -10.23
CA VAL A 145 11.51 7.73 -10.64
C VAL A 145 12.75 8.22 -11.43
N ALA A 146 12.55 9.11 -12.44
CA ALA A 146 13.65 9.65 -13.26
C ALA A 146 14.67 10.42 -12.43
N MET A 147 14.20 11.29 -11.52
CA MET A 147 15.06 12.08 -10.66
C MET A 147 15.81 11.21 -9.64
N THR A 148 15.16 10.19 -9.04
CA THR A 148 15.81 9.28 -8.08
C THR A 148 16.90 8.43 -8.78
N ALA A 149 16.58 7.88 -9.98
CA ALA A 149 17.50 7.07 -10.77
C ALA A 149 18.77 7.87 -11.08
N HIS A 150 18.61 9.15 -11.51
CA HIS A 150 19.73 10.05 -11.83
C HIS A 150 20.60 10.28 -10.59
N MET A 151 19.95 10.57 -9.43
CA MET A 151 20.63 10.78 -8.16
C MET A 151 21.45 9.53 -7.77
N LEU A 152 20.99 8.34 -8.18
CA LEU A 152 21.60 7.03 -7.87
C LEU A 152 22.41 6.43 -9.03
N GLY A 153 23.14 7.27 -9.77
CA GLY A 153 24.00 6.87 -10.87
C GLY A 153 23.37 6.23 -12.10
N GLY A 154 22.09 6.51 -12.35
CA GLY A 154 21.36 5.98 -13.50
C GLY A 154 21.97 6.20 -14.89
N ASP A 155 22.64 7.35 -15.10
CA ASP A 155 23.28 7.64 -16.39
C ASP A 155 24.46 6.69 -16.67
N ALA A 156 25.15 6.23 -15.60
CA ALA A 156 26.28 5.32 -15.66
C ALA A 156 25.88 3.92 -16.18
N ALA A 157 24.58 3.57 -16.09
CA ALA A 157 24.05 2.30 -16.57
C ALA A 157 23.64 2.34 -18.06
N GLY A 158 23.77 3.50 -18.70
CA GLY A 158 23.44 3.65 -20.11
C GLY A 158 22.09 4.22 -20.45
N GLY A 159 21.38 4.72 -19.45
CA GLY A 159 20.05 5.28 -19.66
C GLY A 159 18.93 4.26 -19.82
N THR A 160 19.13 3.04 -19.29
CA THR A 160 18.13 1.97 -19.31
C THR A 160 17.47 1.84 -17.91
N VAL A 161 17.92 2.65 -16.94
CA VAL A 161 17.40 2.59 -15.56
C VAL A 161 15.96 3.05 -15.60
N CYS A 162 15.12 2.23 -15.03
CA CYS A 162 13.69 2.44 -15.02
C CYS A 162 13.18 1.96 -13.65
N GLY A 163 11.93 2.26 -13.37
CA GLY A 163 11.30 1.83 -12.14
C GLY A 163 9.93 2.39 -11.91
N THR A 164 9.43 2.19 -10.70
CA THR A 164 8.09 2.61 -10.31
C THR A 164 8.09 3.19 -8.91
N VAL A 165 7.09 4.03 -8.62
CA VAL A 165 6.84 4.55 -7.29
C VAL A 165 5.98 3.47 -6.56
N THR A 166 6.31 3.14 -5.29
CA THR A 166 5.60 2.15 -4.48
C THR A 166 5.01 2.82 -3.23
N SER A 167 4.31 2.04 -2.37
CA SER A 167 3.69 2.49 -1.13
C SER A 167 4.69 2.64 0.01
N GLY A 168 5.90 2.10 -0.16
CA GLY A 168 6.91 2.19 0.88
C GLY A 168 8.08 1.25 0.62
N GLY A 169 9.03 1.28 1.54
CA GLY A 169 10.25 0.48 1.46
C GLY A 169 9.98 -0.99 1.37
N THR A 170 9.01 -1.46 2.16
CA THR A 170 8.60 -2.86 2.22
C THR A 170 8.13 -3.29 0.87
N GLU A 171 7.22 -2.52 0.25
CA GLU A 171 6.73 -2.86 -1.07
C GLU A 171 7.85 -2.89 -2.09
N SER A 172 8.76 -1.94 -2.02
CA SER A 172 9.92 -1.90 -2.91
C SER A 172 10.75 -3.18 -2.79
N LEU A 173 10.99 -3.66 -1.52
CA LEU A 173 11.76 -4.88 -1.29
C LEU A 173 11.01 -6.13 -1.71
N LEU A 174 9.69 -6.21 -1.40
CA LEU A 174 8.87 -7.36 -1.81
C LEU A 174 8.81 -7.45 -3.32
N LEU A 175 8.50 -6.33 -4.01
CA LEU A 175 8.46 -6.27 -5.47
C LEU A 175 9.81 -6.68 -6.09
N ALA A 176 10.95 -6.20 -5.53
CA ALA A 176 12.27 -6.58 -6.05
C ALA A 176 12.50 -8.09 -5.95
N MET A 177 12.09 -8.71 -4.83
CA MET A 177 12.21 -10.15 -4.59
C MET A 177 11.35 -11.00 -5.51
N LYS A 178 10.08 -10.59 -5.73
CA LYS A 178 9.12 -11.26 -6.64
C LYS A 178 9.67 -11.23 -8.08
N THR A 179 10.22 -10.08 -8.48
CA THR A 179 10.80 -9.82 -9.81
C THR A 179 11.99 -10.72 -10.08
N TYR A 180 12.90 -10.90 -9.10
CA TYR A 180 14.05 -11.79 -9.28
C TYR A 180 13.64 -13.23 -9.35
N ARG A 181 12.60 -13.63 -8.57
CA ARG A 181 12.05 -14.95 -8.58
C ARG A 181 11.43 -15.23 -9.97
N ASP A 182 10.58 -14.29 -10.48
CA ASP A 182 9.91 -14.43 -11.78
C ASP A 182 10.87 -14.37 -12.95
N TRP A 183 11.88 -13.44 -12.90
CA TRP A 183 12.92 -13.31 -13.93
C TRP A 183 13.77 -14.59 -13.98
N ALA A 184 14.24 -15.08 -12.82
CA ALA A 184 15.07 -16.29 -12.76
C ALA A 184 14.32 -17.57 -13.19
N ARG A 185 12.98 -17.62 -12.97
CA ARG A 185 12.21 -18.76 -13.43
C ARG A 185 12.08 -18.74 -14.96
N ALA A 186 11.64 -17.62 -15.52
CA ALA A 186 11.43 -17.49 -16.97
C ALA A 186 12.71 -17.53 -17.79
N THR A 187 13.84 -16.99 -17.27
CA THR A 187 15.08 -16.92 -18.04
C THR A 187 16.15 -17.98 -17.62
N LYS A 188 16.15 -18.43 -16.37
CA LYS A 188 17.19 -19.38 -15.91
C LYS A 188 16.61 -20.74 -15.58
N GLY A 189 15.27 -20.82 -15.50
CA GLY A 189 14.51 -22.02 -15.21
C GLY A 189 14.59 -22.49 -13.78
N ILE A 190 14.92 -21.56 -12.85
CA ILE A 190 15.02 -21.85 -11.41
C ILE A 190 13.59 -21.91 -10.85
N THR A 191 13.23 -23.08 -10.27
CA THR A 191 11.90 -23.32 -9.68
C THR A 191 11.92 -23.40 -8.16
N ALA A 192 13.12 -23.48 -7.57
CA ALA A 192 13.32 -23.48 -6.13
C ALA A 192 14.23 -22.25 -5.84
N PRO A 193 13.74 -20.99 -6.01
CA PRO A 193 14.63 -19.83 -5.81
C PRO A 193 15.22 -19.64 -4.41
N GLU A 194 16.46 -19.12 -4.39
CA GLU A 194 17.19 -18.77 -3.16
C GLU A 194 17.70 -17.31 -3.21
N ALA A 195 17.77 -16.65 -2.05
CA ALA A 195 18.25 -15.29 -1.92
C ALA A 195 19.23 -15.21 -0.77
N VAL A 196 20.41 -14.63 -1.02
CA VAL A 196 21.47 -14.53 -0.02
C VAL A 196 21.60 -13.07 0.43
N VAL A 197 21.34 -12.80 1.72
CA VAL A 197 21.39 -11.45 2.29
C VAL A 197 22.10 -11.50 3.67
N PRO A 198 22.72 -10.40 4.17
CA PRO A 198 23.31 -10.46 5.52
C PRO A 198 22.22 -10.49 6.60
N VAL A 199 22.55 -11.02 7.81
CA VAL A 199 21.63 -11.06 8.95
C VAL A 199 21.00 -9.71 9.27
N SER A 200 21.75 -8.63 9.04
CA SER A 200 21.31 -7.25 9.31
C SER A 200 20.24 -6.76 8.30
N ALA A 201 20.07 -7.43 7.14
CA ALA A 201 19.10 -6.99 6.13
C ALA A 201 17.67 -6.98 6.66
N HIS A 202 16.89 -6.00 6.20
CA HIS A 202 15.51 -5.73 6.59
C HIS A 202 14.65 -6.98 6.72
N ALA A 203 13.79 -7.01 7.75
CA ALA A 203 12.83 -8.07 8.01
C ALA A 203 11.90 -8.37 6.82
N ALA A 204 11.65 -7.37 5.94
CA ALA A 204 10.83 -7.53 4.74
C ALA A 204 11.40 -8.61 3.76
N PHE A 205 12.70 -8.93 3.86
CA PHE A 205 13.33 -10.01 3.07
C PHE A 205 12.72 -11.34 3.50
N ASP A 206 12.48 -11.51 4.83
CA ASP A 206 11.87 -12.71 5.41
C ASP A 206 10.42 -12.80 5.02
N LYS A 207 9.76 -11.64 4.93
CA LYS A 207 8.38 -11.49 4.52
C LYS A 207 8.25 -11.93 3.04
N ALA A 208 9.18 -11.46 2.16
CA ALA A 208 9.24 -11.80 0.74
C ALA A 208 9.46 -13.31 0.53
N ALA A 209 10.34 -13.91 1.35
CA ALA A 209 10.65 -15.33 1.31
C ALA A 209 9.39 -16.17 1.56
N GLN A 210 8.65 -15.87 2.64
CA GLN A 210 7.43 -16.59 3.05
C GLN A 210 6.26 -16.38 2.07
N TYR A 211 6.09 -15.15 1.59
CA TYR A 211 5.04 -14.81 0.62
C TYR A 211 5.26 -15.51 -0.73
N PHE A 212 6.47 -15.32 -1.31
CA PHE A 212 6.76 -15.74 -2.67
C PHE A 212 7.48 -17.08 -2.83
N GLY A 213 7.76 -17.76 -1.73
CA GLY A 213 8.38 -19.08 -1.74
C GLY A 213 9.82 -19.07 -2.18
N ILE A 214 10.61 -18.17 -1.57
CA ILE A 214 12.03 -18.01 -1.83
C ILE A 214 12.77 -18.49 -0.59
N LYS A 215 13.78 -19.35 -0.74
CA LYS A 215 14.58 -19.78 0.42
C LYS A 215 15.53 -18.62 0.76
N LEU A 216 15.39 -18.04 1.97
CA LEU A 216 16.27 -16.95 2.37
C LEU A 216 17.45 -17.46 3.19
N VAL A 217 18.66 -17.13 2.73
CA VAL A 217 19.93 -17.49 3.35
C VAL A 217 20.53 -16.22 3.98
N ARG A 218 20.54 -16.14 5.32
CA ARG A 218 21.09 -14.96 6.01
C ARG A 218 22.52 -15.28 6.49
N THR A 219 23.47 -14.43 6.08
CA THR A 219 24.90 -14.65 6.29
C THR A 219 25.48 -13.78 7.38
N PRO A 220 26.52 -14.28 8.10
CA PRO A 220 27.09 -13.52 9.22
C PRO A 220 27.73 -12.18 8.88
N LEU A 221 27.92 -11.34 9.90
CA LEU A 221 28.53 -10.04 9.76
C LEU A 221 29.96 -10.15 10.26
N ASP A 222 30.80 -9.15 9.96
CA ASP A 222 32.15 -9.12 10.50
C ASP A 222 32.17 -8.32 11.82
N ALA A 223 33.37 -7.99 12.35
CA ALA A 223 33.56 -7.24 13.60
C ALA A 223 33.06 -5.80 13.50
N ASP A 224 32.90 -5.27 12.27
CA ASP A 224 32.42 -3.90 12.01
C ASP A 224 30.92 -3.85 11.73
N TYR A 225 30.20 -4.99 11.91
CA TYR A 225 28.76 -5.18 11.71
C TYR A 225 28.36 -5.03 10.23
N ARG A 226 29.35 -5.24 9.33
CA ARG A 226 29.21 -5.18 7.86
C ARG A 226 29.09 -6.59 7.32
N ALA A 227 28.46 -6.75 6.15
CA ALA A 227 28.33 -8.06 5.54
C ALA A 227 29.68 -8.71 5.34
N ASP A 228 29.78 -9.98 5.74
CA ASP A 228 30.94 -10.81 5.51
C ASP A 228 30.70 -11.34 4.07
N VAL A 229 31.39 -10.77 3.07
CA VAL A 229 31.27 -11.13 1.64
C VAL A 229 31.70 -12.58 1.37
N ALA A 230 32.76 -13.06 2.05
CA ALA A 230 33.24 -14.44 1.86
C ALA A 230 32.17 -15.44 2.28
N ALA A 231 31.39 -15.12 3.34
CA ALA A 231 30.28 -15.93 3.81
C ALA A 231 29.18 -15.94 2.75
N MET A 232 28.94 -14.78 2.09
CA MET A 232 27.93 -14.62 1.03
C MET A 232 28.28 -15.48 -0.20
N ARG A 233 29.56 -15.44 -0.64
CA ARG A 233 30.05 -16.24 -1.76
C ARG A 233 29.81 -17.72 -1.49
N GLU A 234 30.16 -18.18 -0.29
CA GLU A 234 30.02 -19.55 0.16
C GLU A 234 28.54 -20.04 0.21
N ALA A 235 27.56 -19.11 0.27
CA ALA A 235 26.13 -19.46 0.30
C ALA A 235 25.46 -19.52 -1.07
N ILE A 236 26.17 -19.10 -2.13
CA ILE A 236 25.63 -19.09 -3.49
C ILE A 236 25.60 -20.49 -4.08
N THR A 237 24.43 -20.92 -4.58
CA THR A 237 24.21 -22.21 -5.24
C THR A 237 23.67 -21.92 -6.68
N PRO A 238 23.52 -22.93 -7.59
CA PRO A 238 22.90 -22.62 -8.90
C PRO A 238 21.45 -22.10 -8.83
N ASN A 239 20.80 -22.20 -7.66
CA ASN A 239 19.43 -21.73 -7.42
C ASN A 239 19.34 -20.28 -6.88
N THR A 240 20.48 -19.62 -6.58
CA THR A 240 20.49 -18.22 -6.09
C THR A 240 19.98 -17.30 -7.19
N VAL A 241 19.00 -16.47 -6.87
CA VAL A 241 18.41 -15.53 -7.85
C VAL A 241 18.90 -14.10 -7.61
N VAL A 242 19.28 -13.82 -6.35
CA VAL A 242 19.70 -12.49 -5.94
C VAL A 242 20.56 -12.52 -4.67
N VAL A 243 21.49 -11.56 -4.57
CA VAL A 243 22.27 -11.23 -3.38
C VAL A 243 21.89 -9.80 -3.02
N ALA A 244 21.88 -9.47 -1.74
CA ALA A 244 21.53 -8.11 -1.35
C ALA A 244 22.53 -7.50 -0.38
N GLY A 245 22.60 -6.18 -0.41
CA GLY A 245 23.42 -5.39 0.49
C GLY A 245 22.60 -4.24 0.99
N SER A 246 22.94 -3.72 2.19
CA SER A 246 22.17 -2.60 2.76
C SER A 246 22.99 -1.31 2.75
N ALA A 247 22.35 -0.20 2.41
CA ALA A 247 23.05 1.07 2.28
C ALA A 247 22.34 2.26 2.97
N PRO A 248 22.37 2.34 4.33
CA PRO A 248 22.90 1.36 5.29
C PRO A 248 21.78 0.42 5.79
N GLY A 249 22.13 -0.58 6.58
CA GLY A 249 21.13 -1.43 7.21
C GLY A 249 20.47 -0.70 8.36
N PHE A 250 19.21 -1.05 8.67
CA PHE A 250 18.49 -0.39 9.76
C PHE A 250 19.10 -0.65 11.14
N PRO A 251 19.49 -1.87 11.55
CA PRO A 251 19.85 -2.05 12.97
C PRO A 251 20.96 -1.14 13.47
N HIS A 252 22.11 -1.11 12.74
CA HIS A 252 23.32 -0.42 13.15
C HIS A 252 23.84 0.67 12.21
N GLY A 253 23.04 1.06 11.22
CA GLY A 253 23.37 2.14 10.29
C GLY A 253 24.66 2.04 9.52
N VAL A 254 25.20 0.83 9.33
CA VAL A 254 26.44 0.64 8.59
C VAL A 254 26.17 0.29 7.13
N VAL A 255 27.00 0.83 6.22
CA VAL A 255 26.86 0.54 4.80
C VAL A 255 27.63 -0.75 4.51
N ASP A 256 26.97 -1.76 3.87
CA ASP A 256 27.61 -3.03 3.51
C ASP A 256 28.67 -2.80 2.41
N PRO A 257 29.65 -3.72 2.20
CA PRO A 257 30.61 -3.52 1.09
C PRO A 257 29.94 -3.79 -0.26
N ILE A 258 29.21 -2.79 -0.79
CA ILE A 258 28.40 -2.91 -2.01
C ILE A 258 29.25 -3.21 -3.24
N PRO A 259 30.43 -2.53 -3.50
CA PRO A 259 31.21 -2.87 -4.71
C PRO A 259 31.51 -4.36 -4.81
N GLU A 260 31.93 -4.97 -3.69
CA GLU A 260 32.26 -6.40 -3.58
C GLU A 260 31.01 -7.29 -3.68
N ILE A 261 29.84 -6.83 -3.14
CA ILE A 261 28.59 -7.62 -3.23
C ILE A 261 28.11 -7.65 -4.70
N ALA A 262 28.15 -6.46 -5.36
CA ALA A 262 27.80 -6.28 -6.78
C ALA A 262 28.70 -7.12 -7.71
N ALA A 263 30.05 -7.15 -7.45
CA ALA A 263 31.02 -7.92 -8.25
C ALA A 263 30.82 -9.45 -8.11
N LEU A 264 30.42 -9.91 -6.92
CA LEU A 264 30.07 -11.31 -6.58
C LEU A 264 28.87 -11.76 -7.44
N ALA A 265 27.80 -10.92 -7.46
CA ALA A 265 26.58 -11.12 -8.24
C ALA A 265 26.91 -11.17 -9.74
N ALA A 266 27.65 -10.16 -10.26
CA ALA A 266 28.02 -10.05 -11.66
C ALA A 266 28.71 -11.31 -12.18
N GLU A 267 29.67 -11.85 -11.38
CA GLU A 267 30.43 -13.04 -11.80
C GLU A 267 29.59 -14.33 -11.81
N HIS A 268 28.50 -14.38 -11.03
CA HIS A 268 27.60 -15.54 -10.97
C HIS A 268 26.38 -15.36 -11.87
N GLY A 269 26.27 -14.21 -12.53
CA GLY A 269 25.16 -13.86 -13.41
C GLY A 269 23.83 -13.77 -12.66
N ILE A 270 23.87 -13.25 -11.44
CA ILE A 270 22.67 -13.13 -10.61
C ILE A 270 22.41 -11.66 -10.28
N GLY A 271 21.22 -11.39 -9.78
CA GLY A 271 20.86 -10.04 -9.35
C GLY A 271 21.59 -9.59 -8.10
N CYS A 272 21.76 -8.28 -7.99
CA CYS A 272 22.27 -7.61 -6.81
C CYS A 272 21.35 -6.47 -6.53
N HIS A 273 20.62 -6.59 -5.41
CA HIS A 273 19.72 -5.54 -4.97
C HIS A 273 20.39 -4.76 -3.88
N VAL A 274 20.35 -3.44 -4.00
CA VAL A 274 20.87 -2.51 -2.99
C VAL A 274 19.68 -1.93 -2.24
N ASP A 275 19.60 -2.28 -0.96
CA ASP A 275 18.55 -1.72 -0.12
C ASP A 275 19.08 -0.39 0.38
N ALA A 276 18.82 0.70 -0.38
CA ALA A 276 19.15 2.07 -0.01
C ALA A 276 17.87 2.80 0.49
N CYS A 277 16.87 2.04 1.03
CA CYS A 277 15.62 2.63 1.54
C CYS A 277 15.89 3.78 2.54
N LEU A 278 16.87 3.58 3.44
CA LEU A 278 17.31 4.54 4.44
C LEU A 278 18.37 5.55 3.90
N GLY A 279 19.34 5.08 3.10
CA GLY A 279 20.45 5.90 2.63
C GLY A 279 20.43 6.54 1.25
N GLY A 280 19.48 6.14 0.39
CA GLY A 280 19.34 6.63 -0.98
C GLY A 280 19.34 8.13 -1.10
N PHE A 281 18.72 8.82 -0.16
CA PHE A 281 18.60 10.27 -0.15
C PHE A 281 19.59 10.94 0.81
N ILE A 282 20.57 10.19 1.34
CA ILE A 282 21.60 10.72 2.23
C ILE A 282 23.01 10.53 1.67
N LEU A 283 23.34 9.29 1.30
CA LEU A 283 24.62 8.84 0.80
C LEU A 283 25.18 9.61 -0.42
N PRO A 284 24.38 10.01 -1.46
CA PRO A 284 24.99 10.77 -2.58
C PRO A 284 25.50 12.11 -2.08
N TRP A 285 24.79 12.72 -1.11
CA TRP A 285 25.14 14.02 -0.52
C TRP A 285 26.30 13.88 0.45
N ALA A 286 26.32 12.79 1.28
CA ALA A 286 27.43 12.43 2.19
C ALA A 286 28.75 12.30 1.40
N GLU A 287 28.71 11.67 0.22
CA GLU A 287 29.85 11.51 -0.71
C GLU A 287 30.41 12.88 -1.12
N ARG A 288 29.53 13.83 -1.47
CA ARG A 288 29.90 15.20 -1.88
C ARG A 288 30.36 16.10 -0.72
N LEU A 289 30.18 15.64 0.52
CA LEU A 289 30.49 16.43 1.72
C LEU A 289 31.80 16.06 2.43
N GLY A 290 32.48 15.01 2.00
CA GLY A 290 33.75 14.63 2.63
C GLY A 290 33.70 13.41 3.51
N TYR A 291 32.50 12.78 3.65
CA TYR A 291 32.28 11.60 4.47
C TYR A 291 32.63 10.31 3.72
N PRO A 292 33.18 9.26 4.41
CA PRO A 292 33.54 8.03 3.67
C PRO A 292 32.33 7.19 3.28
N VAL A 293 32.05 7.15 1.99
CA VAL A 293 30.96 6.37 1.45
C VAL A 293 31.42 5.75 0.14
N PRO A 294 31.47 4.40 0.11
CA PRO A 294 31.86 3.72 -1.14
C PRO A 294 30.77 3.86 -2.22
N PRO A 295 31.07 3.67 -3.53
CA PRO A 295 30.00 3.68 -4.53
C PRO A 295 28.99 2.57 -4.14
N PHE A 296 27.71 2.87 -4.20
CA PHE A 296 26.68 1.93 -3.70
C PHE A 296 25.52 1.72 -4.67
N ASP A 297 25.57 2.33 -5.86
CA ASP A 297 24.44 2.35 -6.78
C ASP A 297 24.73 1.83 -8.20
N PHE A 298 23.98 2.36 -9.19
CA PHE A 298 24.08 1.98 -10.61
C PHE A 298 25.44 2.34 -11.24
N ARG A 299 26.32 3.05 -10.50
CA ARG A 299 27.69 3.31 -10.97
C ARG A 299 28.43 1.97 -10.98
N LEU A 300 28.02 1.02 -10.09
CA LEU A 300 28.59 -0.33 -10.00
C LEU A 300 27.88 -1.23 -11.03
N GLU A 301 28.66 -1.91 -11.88
CA GLU A 301 28.18 -2.74 -12.97
C GLU A 301 27.23 -3.87 -12.56
N GLY A 302 27.56 -4.56 -11.46
CA GLY A 302 26.78 -5.67 -10.91
C GLY A 302 25.47 -5.31 -10.23
N VAL A 303 25.27 -4.02 -9.88
CA VAL A 303 24.00 -3.57 -9.24
C VAL A 303 22.84 -3.64 -10.26
N THR A 304 21.81 -4.46 -9.97
CA THR A 304 20.72 -4.63 -10.93
C THR A 304 19.41 -3.99 -10.48
N SER A 305 19.29 -3.62 -9.16
CA SER A 305 18.15 -2.89 -8.62
C SER A 305 18.51 -2.09 -7.36
N VAL A 306 17.77 -1.00 -7.09
CA VAL A 306 17.98 -0.16 -5.90
C VAL A 306 16.60 0.27 -5.40
N SER A 307 16.38 0.21 -4.06
CA SER A 307 15.15 0.70 -3.44
C SER A 307 15.57 1.94 -2.65
N ALA A 308 14.75 3.01 -2.69
CA ALA A 308 15.07 4.28 -2.03
C ALA A 308 13.77 4.89 -1.57
N ASP A 309 13.69 5.29 -0.29
CA ASP A 309 12.44 5.80 0.20
C ASP A 309 12.30 7.32 0.17
N THR A 310 11.43 7.78 -0.76
CA THR A 310 11.00 9.17 -0.81
C THR A 310 10.32 9.56 0.52
N HIS A 311 9.57 8.63 1.20
CA HIS A 311 8.94 8.99 2.48
C HIS A 311 9.92 8.98 3.67
N TYR A 313 14.20 10.08 3.94
CA TYR A 313 15.01 11.29 3.75
C TYR A 313 14.76 12.00 2.42
N GLY A 314 13.80 11.51 1.65
CA GLY A 314 13.33 12.17 0.45
C GLY A 314 12.44 13.32 0.91
N TYR A 315 11.91 13.22 2.18
CA TYR A 315 11.06 14.16 2.92
C TYR A 315 9.65 14.31 2.33
N GLY A 316 9.21 13.33 1.58
CA GLY A 316 7.84 13.28 1.08
C GLY A 316 6.93 12.83 2.20
N ALA A 317 5.62 12.82 1.96
CA ALA A 317 4.66 12.35 2.97
C ALA A 317 4.65 10.84 3.00
N LYS A 318 4.28 10.25 4.14
CA LYS A 318 4.24 8.82 4.32
C LYS A 318 3.40 8.17 3.22
N GLY A 319 3.87 7.02 2.73
CA GLY A 319 3.16 6.28 1.70
C GLY A 319 3.85 6.20 0.36
N THR A 320 5.15 6.58 0.27
CA THR A 320 5.86 6.43 -1.02
C THR A 320 7.29 5.89 -0.91
N SER A 321 7.74 5.21 -1.97
CA SER A 321 9.08 4.72 -2.14
C SER A 321 9.33 4.52 -3.61
N VAL A 322 10.56 4.19 -3.99
CA VAL A 322 10.94 3.98 -5.38
C VAL A 322 11.70 2.67 -5.50
N ILE A 323 11.33 1.87 -6.50
CA ILE A 323 12.04 0.66 -6.88
C ILE A 323 12.63 0.92 -8.29
N LEU A 324 13.94 0.71 -8.42
CA LEU A 324 14.69 0.93 -9.66
C LEU A 324 15.35 -0.33 -10.09
N TYR A 325 15.39 -0.57 -11.42
CA TYR A 325 16.06 -1.71 -12.02
C TYR A 325 17.03 -1.16 -13.04
N ARG A 326 18.14 -1.87 -13.28
CA ARG A 326 19.16 -1.46 -14.25
C ARG A 326 18.60 -1.41 -15.68
N ARG A 327 17.67 -2.32 -16.03
CA ARG A 327 17.15 -2.48 -17.38
C ARG A 327 15.64 -2.73 -17.46
N PRO A 328 14.96 -2.30 -18.58
CA PRO A 328 13.50 -2.57 -18.75
C PRO A 328 13.12 -4.05 -18.72
N ASP A 329 14.02 -4.93 -19.20
CA ASP A 329 13.78 -6.38 -19.21
C ASP A 329 13.66 -6.96 -17.83
N LEU A 330 14.31 -6.33 -16.82
CA LEU A 330 14.17 -6.76 -15.44
C LEU A 330 12.84 -6.20 -14.92
N LEU A 331 12.58 -4.88 -15.14
CA LEU A 331 11.36 -4.20 -14.71
C LEU A 331 10.12 -4.97 -15.10
N HIS A 332 10.06 -5.45 -16.37
CA HIS A 332 8.92 -6.17 -16.95
C HIS A 332 8.43 -7.33 -16.15
N TYR A 333 9.29 -8.00 -15.38
CA TYR A 333 8.91 -9.12 -14.52
C TYR A 333 8.17 -8.69 -13.25
N GLN A 334 8.17 -7.38 -12.96
CA GLN A 334 7.46 -6.85 -11.79
C GLN A 334 5.98 -6.69 -12.09
N TYR A 335 5.64 -6.41 -13.36
CA TYR A 335 4.27 -6.17 -13.81
C TYR A 335 3.36 -7.40 -13.72
N PHE A 336 2.08 -7.15 -13.48
CA PHE A 336 1.03 -8.17 -13.50
C PHE A 336 0.08 -7.78 -14.63
N ILE A 337 -0.23 -8.71 -15.56
CA ILE A 337 -1.13 -8.43 -16.67
C ILE A 337 -2.22 -9.52 -16.77
N ALA A 338 -3.51 -9.12 -16.72
CA ALA A 338 -4.64 -10.04 -16.88
C ALA A 338 -5.27 -9.75 -18.22
N ALA A 339 -5.27 -10.77 -19.10
CA ALA A 339 -5.74 -10.69 -20.49
C ALA A 339 -7.14 -11.26 -20.77
N ASP A 340 -7.66 -12.14 -19.92
CA ASP A 340 -8.93 -12.84 -20.12
C ASP A 340 -10.05 -12.46 -19.13
N TRP A 341 -9.85 -11.43 -18.34
CA TRP A 341 -10.85 -11.00 -17.36
C TRP A 341 -11.99 -10.20 -18.05
N PRO A 342 -13.27 -10.57 -17.84
CA PRO A 342 -14.37 -9.76 -18.44
C PRO A 342 -14.41 -8.30 -17.98
N GLY A 343 -13.68 -7.94 -16.92
CA GLY A 343 -13.59 -6.57 -16.45
C GLY A 343 -12.68 -5.68 -17.29
N GLY A 344 -12.15 -6.27 -18.37
CA GLY A 344 -11.25 -5.64 -19.33
C GLY A 344 -9.81 -6.02 -19.13
N ILE A 345 -8.93 -5.55 -20.04
CA ILE A 345 -7.48 -5.74 -19.94
C ILE A 345 -7.00 -4.96 -18.69
N TYR A 346 -6.29 -5.66 -17.79
CA TYR A 346 -5.85 -5.13 -16.54
C TYR A 346 -4.34 -5.29 -16.41
N ALA A 347 -3.66 -4.23 -16.02
CA ALA A 347 -2.20 -4.18 -15.91
C ALA A 347 -1.78 -3.38 -14.66
N SER A 348 -1.02 -4.00 -13.75
CA SER A 348 -0.52 -3.31 -12.57
C SER A 348 1.00 -3.33 -12.54
N PRO A 349 1.65 -2.15 -12.42
CA PRO A 349 3.11 -2.15 -12.29
C PRO A 349 3.56 -2.60 -10.90
N THR A 350 2.70 -2.47 -9.89
CA THR A 350 3.04 -2.79 -8.52
C THR A 350 2.02 -3.75 -7.92
N PHE A 351 2.10 -3.99 -6.62
CA PHE A 351 1.20 -4.83 -5.84
C PHE A 351 -0.27 -4.37 -5.96
N ALA A 352 -0.50 -3.06 -5.91
CA ALA A 352 -1.83 -2.42 -5.82
C ALA A 352 -2.58 -2.23 -7.12
N GLY A 353 -3.87 -1.91 -6.98
CA GLY A 353 -4.76 -1.51 -8.06
C GLY A 353 -4.91 -0.01 -7.87
N SER A 354 -6.01 0.41 -7.20
CA SER A 354 -6.27 1.80 -6.81
C SER A 354 -5.21 2.25 -5.81
N ARG A 355 -4.65 3.46 -6.01
CA ARG A 355 -3.57 3.97 -5.16
C ARG A 355 -3.82 5.42 -4.76
N PRO A 356 -3.33 5.87 -3.57
CA PRO A 356 -3.51 7.30 -3.21
C PRO A 356 -2.51 8.18 -3.99
N GLY A 357 -2.93 8.65 -5.15
CA GLY A 357 -2.11 9.46 -6.06
C GLY A 357 -1.55 10.72 -5.48
N ALA A 358 -2.28 11.33 -4.53
CA ALA A 358 -1.88 12.54 -3.83
C ALA A 358 -0.53 12.39 -3.11
N LEU A 359 -0.17 11.17 -2.66
CA LEU A 359 1.08 10.92 -1.94
C LEU A 359 2.28 10.95 -2.85
N SER A 360 2.10 10.56 -4.13
CA SER A 360 3.12 10.60 -5.16
C SER A 360 3.45 12.05 -5.48
N ALA A 361 2.39 12.91 -5.52
CA ALA A 361 2.49 14.34 -5.69
C ALA A 361 3.30 14.97 -4.54
N THR A 362 3.10 14.53 -3.27
CA THR A 362 3.88 15.06 -2.12
C THR A 362 5.37 14.74 -2.26
N ALA A 363 5.68 13.53 -2.81
CA ALA A 363 7.07 13.10 -3.04
C ALA A 363 7.73 13.99 -4.11
N TRP A 364 7.02 14.26 -5.23
CA TRP A 364 7.48 15.10 -6.34
C TRP A 364 7.67 16.54 -5.82
N ALA A 365 6.66 17.07 -5.09
CA ALA A 365 6.70 18.41 -4.50
C ALA A 365 7.87 18.59 -3.51
N ALA A 366 8.13 17.55 -2.68
CA ALA A 366 9.25 17.58 -1.73
C ALA A 366 10.62 17.63 -2.46
N MET A 367 10.83 16.80 -3.49
CA MET A 367 12.08 16.74 -4.23
C MET A 367 12.36 18.06 -4.97
N LEU A 368 11.33 18.64 -5.61
CA LEU A 368 11.47 19.90 -6.34
C LEU A 368 11.72 21.10 -5.47
N SER A 369 11.18 21.09 -4.24
CA SER A 369 11.32 22.17 -3.28
C SER A 369 12.69 22.14 -2.63
N LEU A 370 13.34 21.01 -2.62
CA LEU A 370 14.61 20.89 -2.01
C LEU A 370 15.72 21.02 -2.99
N GLY A 371 15.63 20.23 -4.05
CA GLY A 371 16.64 20.23 -5.09
C GLY A 371 17.95 19.71 -4.52
N GLU A 372 19.02 19.76 -5.33
CA GLU A 372 20.33 19.29 -4.92
C GLU A 372 20.85 19.98 -3.67
N GLU A 373 20.75 21.33 -3.63
CA GLU A 373 21.22 22.15 -2.51
C GLU A 373 20.50 21.85 -1.19
N GLY A 374 19.17 21.73 -1.23
CA GLY A 374 18.36 21.38 -0.06
C GLY A 374 18.76 20.04 0.53
N TYR A 375 18.98 19.03 -0.33
CA TYR A 375 19.41 17.69 0.11
C TYR A 375 20.81 17.70 0.69
N LEU A 376 21.70 18.48 0.11
CA LEU A 376 23.04 18.69 0.63
C LEU A 376 23.03 19.31 1.98
N ASP A 377 22.27 20.36 2.08
CA ASP A 377 22.12 21.10 3.34
C ASP A 377 21.44 20.28 4.44
N ALA A 378 20.42 19.45 4.07
CA ALA A 378 19.73 18.57 5.03
C ALA A 378 20.69 17.48 5.55
N THR A 379 21.48 16.86 4.65
CA THR A 379 22.46 15.82 4.99
C THR A 379 23.58 16.37 5.88
N ARG A 380 24.15 17.55 5.53
CA ARG A 380 25.17 18.22 6.34
C ARG A 380 24.66 18.40 7.76
N ARG A 381 23.45 18.95 7.93
CA ARG A 381 22.84 19.15 9.26
C ARG A 381 22.73 17.81 10.05
N ILE A 382 22.19 16.75 9.40
CA ILE A 382 22.04 15.40 9.99
C ILE A 382 23.38 14.81 10.39
N LEU A 383 24.36 14.83 9.45
CA LEU A 383 25.72 14.30 9.66
C LEU A 383 26.54 15.12 10.70
N GLN A 384 26.33 16.44 10.81
CA GLN A 384 27.03 17.21 11.85
C GLN A 384 26.40 16.95 13.23
N ALA A 385 25.06 16.79 13.29
CA ALA A 385 24.37 16.41 14.53
C ALA A 385 24.80 14.99 14.95
N ALA A 386 24.97 14.06 13.95
CA ALA A 386 25.40 12.67 14.20
C ALA A 386 26.81 12.61 14.78
N ASP A 387 27.76 13.41 14.21
CA ASP A 387 29.17 13.53 14.64
C ASP A 387 29.22 14.00 16.09
N ARG A 388 28.37 14.98 16.43
CA ARG A 388 28.26 15.53 17.80
C ARG A 388 27.78 14.46 18.78
N LEU A 389 26.71 13.71 18.40
CA LEU A 389 26.11 12.66 19.22
C LEU A 389 27.08 11.49 19.43
N LYS A 390 27.77 11.04 18.36
CA LYS A 390 28.76 9.94 18.42
C LYS A 390 29.87 10.27 19.43
N ALA A 391 30.45 11.48 19.36
CA ALA A 391 31.49 12.00 20.26
C ALA A 391 31.08 11.98 21.74
N GLY A 392 29.83 12.38 21.99
CA GLY A 392 29.24 12.39 23.33
C GLY A 392 29.00 11.01 23.90
N VAL A 393 28.46 10.08 23.08
CA VAL A 393 28.21 8.69 23.46
C VAL A 393 29.56 7.99 23.79
N ARG A 394 30.56 8.18 22.94
CA ARG A 394 31.90 7.60 23.09
C ARG A 394 32.67 8.08 24.34
N ALA A 395 32.20 9.19 24.96
CA ALA A 395 32.75 9.82 26.17
C ALA A 395 32.07 9.29 27.44
N ILE A 396 30.97 8.51 27.29
CA ILE A 396 30.27 7.86 28.39
C ILE A 396 30.95 6.47 28.56
N PRO A 397 31.64 6.27 29.72
CA PRO A 397 32.47 5.06 29.91
C PRO A 397 31.82 3.69 29.69
N SER A 398 30.59 3.49 30.16
CA SER A 398 29.98 2.17 30.07
C SER A 398 29.31 1.86 28.71
N LEU A 399 29.24 2.82 27.78
CA LEU A 399 28.60 2.62 26.48
C LEU A 399 29.55 2.41 25.31
N LYS A 400 29.04 1.77 24.24
CA LYS A 400 29.78 1.55 22.99
C LYS A 400 28.86 1.60 21.77
N ILE A 401 29.39 2.14 20.67
CA ILE A 401 28.67 2.21 19.39
C ILE A 401 29.05 0.96 18.58
N LEU A 402 28.05 0.31 17.98
CA LEU A 402 28.27 -0.85 17.13
C LEU A 402 28.65 -0.41 15.69
N GLY A 403 29.85 -0.80 15.27
CA GLY A 403 30.42 -0.44 13.97
C GLY A 403 30.78 1.02 13.92
N ASP A 404 30.86 1.59 12.73
CA ASP A 404 31.15 3.02 12.55
C ASP A 404 30.05 3.65 11.66
N PRO A 405 28.83 3.87 12.20
CA PRO A 405 27.77 4.45 11.36
C PRO A 405 27.91 5.94 11.13
N LEU A 406 27.28 6.42 10.06
CA LEU A 406 27.31 7.85 9.79
C LEU A 406 26.17 8.62 10.48
N TRP A 407 24.93 8.05 10.62
CA TRP A 407 23.82 8.82 11.23
C TRP A 407 22.74 7.97 11.95
N VAL A 408 22.74 6.62 11.78
CA VAL A 408 21.80 5.73 12.48
C VAL A 408 22.70 5.04 13.54
N ILE A 409 22.61 5.50 14.79
CA ILE A 409 23.56 5.12 15.85
C ILE A 409 23.04 4.05 16.81
N ALA A 410 23.68 2.88 16.79
CA ALA A 410 23.29 1.81 17.73
C ALA A 410 24.25 1.81 18.91
N VAL A 411 23.69 1.79 20.10
CA VAL A 411 24.40 1.90 21.35
C VAL A 411 24.17 0.65 22.19
N ALA A 412 25.24 0.05 22.65
CA ALA A 412 25.20 -1.17 23.47
C ALA A 412 26.09 -1.05 24.73
N SER A 413 25.99 -2.03 25.63
CA SER A 413 26.78 -2.04 26.86
C SER A 413 27.16 -3.45 27.28
N ASP A 414 28.47 -3.67 27.46
CA ASP A 414 29.04 -4.93 27.94
C ASP A 414 28.95 -4.98 29.48
N GLU A 415 28.70 -3.82 30.10
CA GLU A 415 28.66 -3.62 31.55
C GLU A 415 27.25 -3.49 32.12
N LEU A 416 26.42 -2.65 31.51
CA LEU A 416 25.06 -2.34 31.96
C LEU A 416 23.98 -2.99 31.11
N ASN A 417 22.80 -3.18 31.71
CA ASN A 417 21.65 -3.68 30.99
C ASN A 417 21.16 -2.48 30.16
N ILE A 418 21.51 -2.49 28.86
CA ILE A 418 21.13 -1.45 27.89
C ILE A 418 19.60 -1.25 27.82
N TYR A 419 18.80 -2.31 28.08
CA TYR A 419 17.35 -2.19 28.05
C TYR A 419 16.83 -1.29 29.17
N GLN A 420 17.52 -1.27 30.35
CA GLN A 420 17.14 -0.39 31.45
C GLN A 420 17.63 1.03 31.17
N VAL A 421 18.84 1.16 30.56
CA VAL A 421 19.41 2.45 30.14
C VAL A 421 18.41 3.09 29.15
N MET A 422 17.90 2.28 28.21
CA MET A 422 16.89 2.66 27.22
C MET A 422 15.58 3.05 27.94
N GLU A 423 15.12 2.21 28.92
CA GLU A 423 13.91 2.47 29.74
C GLU A 423 14.00 3.82 30.50
N GLU A 424 15.19 4.15 31.02
CA GLU A 424 15.45 5.43 31.70
C GLU A 424 15.17 6.59 30.74
N MET A 425 15.66 6.46 29.47
CA MET A 425 15.47 7.42 28.39
C MET A 425 14.00 7.54 28.05
N ALA A 426 13.28 6.37 28.01
CA ALA A 426 11.84 6.32 27.75
C ALA A 426 11.11 7.12 28.84
N GLY A 427 11.59 6.97 30.08
CA GLY A 427 11.11 7.71 31.25
C GLY A 427 11.25 9.21 31.06
N ARG A 428 12.28 9.67 30.30
CA ARG A 428 12.52 11.09 30.00
C ARG A 428 11.82 11.54 28.69
N GLY A 429 10.95 10.69 28.12
CA GLY A 429 10.23 10.99 26.89
C GLY A 429 10.84 10.55 25.58
N TRP A 430 12.05 9.91 25.60
CA TRP A 430 12.72 9.44 24.38
C TRP A 430 12.06 8.20 23.79
N ARG A 431 11.85 8.20 22.45
CA ARG A 431 11.26 7.07 21.74
C ARG A 431 12.31 6.48 20.79
N LEU A 432 13.06 5.52 21.35
CA LEU A 432 14.20 4.87 20.72
C LEU A 432 13.86 3.48 20.30
N ASN A 433 14.50 3.00 19.22
CA ASN A 433 14.27 1.66 18.69
C ASN A 433 15.07 0.63 19.50
N GLY A 434 14.38 -0.37 20.05
CA GLY A 434 15.00 -1.43 20.83
C GLY A 434 15.46 -2.55 19.92
N LEU A 435 16.71 -2.97 20.05
CA LEU A 435 17.31 -4.01 19.19
C LEU A 435 17.76 -5.20 20.02
N HIS A 436 17.96 -6.34 19.33
CA HIS A 436 18.50 -7.57 19.92
C HIS A 436 19.49 -8.21 18.95
N ARG A 437 20.22 -9.24 19.40
CA ARG A 437 21.23 -9.95 18.63
C ARG A 437 22.28 -9.00 18.00
N PRO A 438 23.00 -8.13 18.77
CA PRO A 438 23.07 -8.02 20.23
C PRO A 438 22.07 -7.05 20.87
N PRO A 439 21.82 -7.15 22.21
CA PRO A 439 20.95 -6.16 22.86
C PRO A 439 21.58 -4.77 22.70
N ALA A 440 20.74 -3.78 22.32
CA ALA A 440 21.15 -2.41 22.09
C ALA A 440 19.91 -1.59 21.79
N PHE A 441 20.07 -0.27 21.65
CA PHE A 441 19.01 0.61 21.19
C PHE A 441 19.62 1.45 20.09
N HIS A 442 18.80 2.05 19.22
CA HIS A 442 19.40 2.94 18.22
C HIS A 442 18.63 4.26 18.10
N VAL A 443 19.30 5.24 17.51
CA VAL A 443 18.74 6.54 17.22
C VAL A 443 19.07 6.82 15.76
N ALA A 444 18.01 6.97 14.94
CA ALA A 444 18.16 7.31 13.53
C ALA A 444 17.93 8.80 13.52
N LEU A 445 19.02 9.58 13.35
CA LEU A 445 18.93 11.05 13.38
C LEU A 445 18.22 11.58 12.14
N THR A 446 17.33 12.55 12.36
CA THR A 446 16.53 13.17 11.30
C THR A 446 16.72 14.67 11.37
N LEU A 447 15.99 15.39 10.57
CA LEU A 447 15.97 16.83 10.65
C LEU A 447 15.48 17.38 11.99
N ARG A 448 14.64 16.62 12.68
CA ARG A 448 14.14 16.98 14.01
C ARG A 448 15.27 16.99 15.03
N HIS A 449 16.34 16.16 14.84
CA HIS A 449 17.46 16.09 15.79
C HIS A 449 18.56 17.13 15.49
N THR A 450 18.37 17.92 14.44
CA THR A 450 19.30 18.97 14.03
C THR A 450 18.85 20.33 14.58
N GLU A 451 17.63 20.40 15.12
CA GLU A 451 17.07 21.62 15.72
C GLU A 451 17.87 22.00 16.97
N PRO A 452 17.94 23.31 17.35
CA PRO A 452 18.76 23.68 18.54
C PRO A 452 18.48 22.91 19.83
N GLY A 453 19.55 22.45 20.48
CA GLY A 453 19.53 21.74 21.76
C GLY A 453 19.06 20.29 21.87
N VAL A 454 18.67 19.66 20.73
CA VAL A 454 18.15 18.30 20.76
C VAL A 454 19.26 17.28 21.10
N VAL A 455 20.42 17.35 20.42
CA VAL A 455 21.56 16.43 20.67
C VAL A 455 22.08 16.61 22.11
N ASP A 456 22.16 17.87 22.58
CA ASP A 456 22.57 18.22 23.96
C ASP A 456 21.57 17.69 24.96
N ARG A 457 20.28 17.75 24.64
CA ARG A 457 19.26 17.17 25.51
C ARG A 457 19.39 15.62 25.60
N PHE A 458 19.68 14.96 24.45
CA PHE A 458 19.86 13.50 24.39
C PHE A 458 21.07 13.07 25.22
N LEU A 459 22.18 13.78 25.04
CA LEU A 459 23.44 13.51 25.72
C LEU A 459 23.34 13.68 27.24
N ALA A 460 22.65 14.74 27.70
CA ALA A 460 22.42 15.01 29.11
C ALA A 460 21.56 13.90 29.72
N ASP A 461 20.43 13.52 29.05
CA ASP A 461 19.54 12.46 29.52
C ASP A 461 20.19 11.07 29.52
N LEU A 462 21.13 10.81 28.57
CA LEU A 462 21.86 9.51 28.47
C LEU A 462 22.88 9.39 29.62
N GLN A 463 23.59 10.50 29.91
CA GLN A 463 24.55 10.62 31.02
C GLN A 463 23.91 10.21 32.37
N ASP A 464 22.67 10.68 32.61
CA ASP A 464 21.89 10.40 33.83
C ASP A 464 21.37 8.98 33.84
N ALA A 465 20.86 8.50 32.68
CA ALA A 465 20.34 7.15 32.47
C ALA A 465 21.39 6.10 32.84
N VAL A 466 22.63 6.30 32.37
CA VAL A 466 23.78 5.45 32.63
C VAL A 466 24.10 5.46 34.14
N ALA A 467 24.18 6.67 34.75
CA ALA A 467 24.43 6.88 36.18
C ALA A 467 23.39 6.17 37.07
N GLN A 468 22.10 6.24 36.71
CA GLN A 468 21.02 5.58 37.46
C GLN A 468 21.05 4.05 37.35
N VAL A 469 21.55 3.49 36.22
CA VAL A 469 21.66 2.04 36.01
C VAL A 469 22.95 1.54 36.68
N ARG A 470 24.03 2.37 36.66
CA ARG A 470 25.32 2.08 37.29
C ARG A 470 25.18 1.95 38.82
N ALA A 471 24.18 2.63 39.38
CA ALA A 471 23.85 2.62 40.81
C ALA A 471 22.97 1.42 41.15
N HIS A 472 22.07 1.02 40.24
CA HIS A 472 21.17 -0.11 40.47
C HIS A 472 21.18 -1.07 39.26
N PRO A 473 22.23 -1.91 39.11
CA PRO A 473 22.32 -2.80 37.94
C PRO A 473 21.26 -3.89 37.86
N GLU A 474 20.55 -4.12 38.98
CA GLU A 474 19.49 -5.12 39.11
C GLU A 474 18.15 -4.60 38.56
N LYS A 475 17.97 -3.25 38.57
CA LYS A 475 16.78 -2.53 38.10
C LYS A 475 16.38 -2.93 36.68
N ALA A 476 15.14 -3.43 36.55
CA ALA A 476 14.50 -3.86 35.30
C ALA A 476 13.04 -3.52 35.50
N THR A 477 12.73 -2.27 35.18
CA THR A 477 11.42 -1.66 35.35
C THR A 477 10.81 -1.31 33.99
N GLY A 478 9.49 -1.24 33.95
CA GLY A 478 8.72 -0.89 32.76
C GLY A 478 8.84 -1.85 31.60
N MET A 479 9.48 -1.39 30.52
CA MET A 479 9.64 -2.16 29.29
C MET A 479 10.90 -2.99 29.22
N ALA A 480 11.91 -2.69 30.07
CA ALA A 480 13.18 -3.44 30.11
C ALA A 480 13.01 -4.96 30.34
N PRO A 481 12.16 -5.46 31.28
CA PRO A 481 12.02 -6.94 31.42
C PRO A 481 11.38 -7.60 30.20
N VAL A 482 10.54 -6.86 29.45
CA VAL A 482 9.85 -7.32 28.24
C VAL A 482 10.88 -7.55 27.15
N TYR A 483 11.77 -6.55 26.94
CA TYR A 483 12.87 -6.59 25.98
C TYR A 483 13.87 -7.68 26.34
N GLY A 484 14.16 -7.83 27.64
CA GLY A 484 15.04 -8.85 28.17
C GLY A 484 14.47 -10.24 27.93
N MET A 485 13.14 -10.39 28.17
CA MET A 485 12.39 -11.64 27.95
C MET A 485 12.42 -11.99 26.48
N ALA A 486 12.10 -10.99 25.62
CA ALA A 486 12.05 -11.08 24.15
C ALA A 486 13.36 -11.54 23.50
N ALA A 487 14.50 -10.97 23.96
CA ALA A 487 15.84 -11.29 23.47
C ALA A 487 16.26 -12.75 23.75
N ALA A 488 15.75 -13.34 24.86
CA ALA A 488 16.05 -14.71 25.28
C ALA A 488 14.90 -15.72 25.03
N ALA A 489 13.72 -15.24 24.61
CA ALA A 489 12.55 -16.06 24.37
C ALA A 489 12.64 -16.94 23.11
N PRO A 490 12.12 -18.20 23.18
CA PRO A 490 12.09 -19.05 21.97
C PRO A 490 11.17 -18.44 20.90
N PRO A 491 11.36 -18.71 19.58
CA PRO A 491 10.53 -18.05 18.55
C PRO A 491 9.01 -18.17 18.69
N GLU A 492 8.49 -19.29 19.19
CA GLU A 492 7.04 -19.43 19.33
C GLU A 492 6.47 -18.58 20.46
N LEU A 493 7.27 -18.27 21.51
CA LEU A 493 6.82 -17.39 22.59
C LEU A 493 6.73 -15.97 22.03
N VAL A 494 7.75 -15.54 21.25
CA VAL A 494 7.83 -14.27 20.52
C VAL A 494 6.63 -14.14 19.55
N ARG A 495 6.31 -15.21 18.79
CA ARG A 495 5.21 -15.28 17.84
C ARG A 495 3.86 -15.09 18.54
N GLN A 496 3.68 -15.74 19.70
CA GLN A 496 2.48 -15.69 20.53
C GLN A 496 2.27 -14.31 21.13
N VAL A 497 3.35 -13.70 21.66
CA VAL A 497 3.28 -12.36 22.29
C VAL A 497 3.01 -11.25 21.22
N SER A 498 3.63 -11.37 20.03
CA SER A 498 3.48 -10.41 18.92
C SER A 498 2.05 -10.44 18.34
N THR A 499 1.47 -11.65 18.20
CA THR A 499 0.10 -11.86 17.74
C THR A 499 -0.86 -11.12 18.70
N GLY A 500 -0.66 -11.34 20.01
CA GLY A 500 -1.44 -10.72 21.08
C GLY A 500 -1.34 -9.21 21.10
N PHE A 501 -0.14 -8.66 20.78
CA PHE A 501 0.10 -7.22 20.74
C PHE A 501 -0.68 -6.58 19.60
N ILE A 502 -0.68 -7.23 18.41
CA ILE A 502 -1.41 -6.76 17.23
C ILE A 502 -2.92 -6.80 17.51
N ASP A 503 -3.42 -7.89 18.16
CA ASP A 503 -4.84 -8.02 18.55
C ASP A 503 -5.23 -6.91 19.51
N LEU A 504 -4.33 -6.55 20.46
CA LEU A 504 -4.54 -5.44 21.40
C LEU A 504 -4.74 -4.11 20.64
N LEU A 505 -4.00 -3.89 19.55
CA LEU A 505 -4.12 -2.68 18.75
C LEU A 505 -5.51 -2.51 18.12
N TYR A 506 -6.15 -3.64 17.72
CA TYR A 506 -7.48 -3.66 17.11
C TYR A 506 -8.66 -3.76 18.11
N GLU A 507 -8.38 -3.82 19.43
CA GLU A 507 -9.41 -3.84 20.50
C GLU A 507 -10.24 -2.53 20.54
N VAL A 508 -11.57 -2.65 20.59
CA VAL A 508 -12.49 -1.52 20.71
C VAL A 508 -13.28 -1.71 22.02
N HIS A 509 -13.08 -0.80 22.99
CA HIS A 509 -13.77 -0.84 24.29
C HIS A 509 -14.07 0.56 24.80
N PRO B 60 -0.44 14.89 -21.73
CA PRO B 60 -0.59 16.10 -22.55
C PRO B 60 0.16 17.32 -22.02
N TYR B 61 0.81 17.20 -20.84
CA TYR B 61 1.53 18.33 -20.23
C TYR B 61 2.96 18.52 -20.75
N ARG B 62 3.44 17.57 -21.60
CA ARG B 62 4.78 17.51 -22.23
C ARG B 62 5.44 18.88 -22.47
N ASP B 63 4.74 19.80 -23.19
CA ASP B 63 5.26 21.13 -23.52
C ASP B 63 4.59 22.27 -22.72
N ARG B 64 3.42 22.00 -22.09
CA ARG B 64 2.71 22.97 -21.25
C ARG B 64 3.54 23.27 -20.00
N PHE B 65 4.03 22.20 -19.35
CA PHE B 65 4.84 22.29 -18.15
C PHE B 65 6.22 21.68 -18.39
N PRO B 66 7.29 22.21 -17.76
CA PRO B 66 8.62 21.62 -17.99
C PRO B 66 8.78 20.24 -17.34
N SER B 67 9.39 19.28 -18.07
CA SER B 67 9.67 17.93 -17.60
C SER B 67 10.87 17.96 -16.67
N HIS B 68 10.84 17.14 -15.61
CA HIS B 68 11.90 17.06 -14.61
C HIS B 68 12.46 15.65 -14.61
N ALA B 69 13.58 15.44 -15.32
CA ALA B 69 14.21 14.11 -15.37
C ALA B 69 15.36 14.04 -14.35
N ARG B 70 15.72 15.20 -13.78
CA ARG B 70 16.79 15.35 -12.80
C ARG B 70 16.34 16.34 -11.76
N LEU B 71 16.91 16.24 -10.56
CA LEU B 71 16.60 17.20 -9.50
C LEU B 71 17.15 18.56 -9.93
N PRO B 72 16.44 19.68 -9.66
CA PRO B 72 17.04 21.00 -9.93
C PRO B 72 18.20 21.22 -8.98
N ARG B 73 19.20 22.01 -9.41
CA ARG B 73 20.38 22.33 -8.60
C ARG B 73 19.93 23.01 -7.32
N ALA B 74 19.10 24.06 -7.41
CA ALA B 74 18.50 24.78 -6.29
C ALA B 74 17.01 24.46 -6.19
N GLY B 75 16.47 24.41 -4.98
CA GLY B 75 15.06 24.13 -4.76
C GLY B 75 14.16 25.15 -5.45
N LEU B 76 13.03 24.70 -5.99
CA LEU B 76 12.05 25.55 -6.63
C LEU B 76 11.14 26.17 -5.56
N PRO B 77 10.66 27.42 -5.73
CA PRO B 77 9.74 28.00 -4.72
C PRO B 77 8.51 27.14 -4.54
N ARG B 78 8.08 26.96 -3.29
CA ARG B 78 6.92 26.17 -2.88
C ARG B 78 5.65 26.66 -3.60
N ALA B 79 5.48 27.99 -3.67
CA ALA B 79 4.37 28.70 -4.32
C ALA B 79 4.29 28.34 -5.79
N GLU B 80 5.45 28.19 -6.44
CA GLU B 80 5.52 27.81 -7.84
C GLU B 80 5.09 26.37 -8.06
N ILE B 81 5.47 25.45 -7.16
CA ILE B 81 5.13 24.01 -7.25
C ILE B 81 3.61 23.84 -7.08
N LEU B 82 3.03 24.58 -6.13
CA LEU B 82 1.60 24.57 -5.82
C LEU B 82 0.79 25.11 -7.01
N ALA B 83 1.25 26.22 -7.65
CA ALA B 83 0.60 26.82 -8.83
C ALA B 83 0.53 25.85 -10.02
N GLU B 84 1.58 25.00 -10.22
CA GLU B 84 1.63 23.99 -11.30
C GLU B 84 0.61 22.86 -11.00
N ILE B 85 0.66 22.29 -9.78
CA ILE B 85 -0.24 21.23 -9.31
C ILE B 85 -1.70 21.69 -9.41
N ALA B 86 -1.99 22.94 -8.95
CA ALA B 86 -3.34 23.53 -9.02
C ALA B 86 -3.80 23.69 -10.48
N ALA B 87 -2.87 24.09 -11.39
CA ALA B 87 -3.17 24.25 -12.83
C ALA B 87 -3.69 22.93 -13.42
N MET B 88 -2.99 21.83 -13.12
CA MET B 88 -3.37 20.48 -13.52
C MET B 88 -4.69 20.08 -12.87
N GLY B 89 -4.88 20.47 -11.61
CA GLY B 89 -6.13 20.22 -10.90
C GLY B 89 -7.35 20.83 -11.58
N ALA B 90 -7.24 22.12 -12.00
CA ALA B 90 -8.29 22.86 -12.71
C ALA B 90 -8.68 22.21 -14.05
N ALA B 91 -7.70 21.61 -14.76
CA ALA B 91 -7.95 20.95 -16.05
C ALA B 91 -8.59 19.55 -15.88
N GLU B 92 -8.17 18.82 -14.83
CA GLU B 92 -8.58 17.44 -14.54
C GLU B 92 -9.84 17.27 -13.70
N SER B 93 -10.11 18.18 -12.76
CA SER B 93 -11.25 18.03 -11.87
C SER B 93 -12.64 18.05 -12.57
N PRO B 94 -12.90 18.84 -13.66
CA PRO B 94 -14.26 18.82 -14.26
C PRO B 94 -14.78 17.46 -14.72
N ALA B 95 -13.90 16.59 -15.24
CA ALA B 95 -14.33 15.29 -15.74
C ALA B 95 -15.08 14.49 -14.67
N TRP B 96 -14.50 14.29 -13.47
CA TRP B 96 -15.17 13.59 -12.38
C TRP B 96 -16.24 14.43 -11.66
N ARG B 97 -16.00 15.75 -11.48
CA ARG B 97 -16.90 16.65 -10.76
C ARG B 97 -18.25 16.81 -11.45
N ASP B 98 -18.27 16.89 -12.79
CA ASP B 98 -19.51 17.08 -13.56
C ASP B 98 -20.22 15.76 -13.87
N GLY B 99 -19.77 14.67 -13.26
CA GLY B 99 -20.37 13.35 -13.38
C GLY B 99 -20.12 12.60 -14.67
N TYR B 100 -18.97 12.87 -15.33
CA TYR B 100 -18.62 12.20 -16.57
C TYR B 100 -17.88 10.90 -16.37
N ALA B 101 -17.26 10.71 -15.18
CA ALA B 101 -16.49 9.50 -14.91
C ALA B 101 -17.30 8.39 -14.20
N SER B 102 -17.22 7.17 -14.75
CA SER B 102 -17.80 5.96 -14.20
C SER B 102 -16.87 5.58 -13.03
N GLY B 103 -17.43 5.37 -11.84
CA GLY B 103 -16.64 5.10 -10.63
C GLY B 103 -15.63 6.21 -10.44
N ALA B 104 -14.33 5.86 -10.23
CA ALA B 104 -13.16 6.75 -10.10
C ALA B 104 -13.22 7.69 -8.89
N VAL B 105 -14.29 8.51 -8.76
CA VAL B 105 -14.54 9.42 -7.64
C VAL B 105 -15.97 9.08 -7.16
N TYR B 106 -16.05 8.61 -5.91
CA TYR B 106 -17.27 8.07 -5.29
C TYR B 106 -18.13 9.09 -4.56
N HIS B 107 -17.53 10.11 -3.92
CA HIS B 107 -18.28 11.16 -3.24
C HIS B 107 -18.20 12.43 -4.09
N GLY B 108 -17.04 13.08 -4.07
CA GLY B 108 -16.77 14.24 -4.90
C GLY B 108 -17.38 15.57 -4.57
N ASP B 109 -18.10 15.68 -3.44
CA ASP B 109 -18.66 16.96 -3.00
C ASP B 109 -17.53 17.82 -2.42
N GLU B 110 -17.47 19.11 -2.79
CA GLU B 110 -16.39 20.02 -2.33
C GLU B 110 -16.21 20.09 -0.80
N HIS B 111 -17.30 20.15 -0.03
CA HIS B 111 -17.27 20.25 1.44
C HIS B 111 -16.86 18.96 2.13
N HIS B 112 -17.28 17.80 1.58
CA HIS B 112 -16.88 16.49 2.10
C HIS B 112 -15.34 16.35 1.86
N ILE B 113 -14.86 16.69 0.65
CA ILE B 113 -13.43 16.67 0.28
C ILE B 113 -12.61 17.60 1.19
N ALA B 114 -13.07 18.88 1.37
CA ALA B 114 -12.40 19.86 2.24
C ALA B 114 -12.27 19.34 3.68
N PHE B 115 -13.30 18.63 4.18
CA PHE B 115 -13.32 18.03 5.52
C PHE B 115 -12.23 16.94 5.65
N LEU B 116 -12.19 15.99 4.70
CA LEU B 116 -11.20 14.94 4.62
C LEU B 116 -9.77 15.45 4.43
N ASN B 117 -9.58 16.55 3.66
CA ASN B 117 -8.24 17.15 3.48
C ASN B 117 -7.75 17.77 4.80
N GLU B 118 -8.67 18.32 5.60
CA GLU B 118 -8.36 18.84 6.94
C GLU B 118 -8.04 17.69 7.91
N VAL B 119 -8.72 16.54 7.78
CA VAL B 119 -8.48 15.35 8.60
C VAL B 119 -7.07 14.85 8.24
N TYR B 120 -6.76 14.80 6.94
CA TYR B 120 -5.42 14.42 6.44
C TYR B 120 -4.38 15.34 7.09
N ALA B 121 -4.51 16.67 6.97
CA ALA B 121 -3.56 17.65 7.54
C ALA B 121 -3.30 17.45 9.03
N LEU B 122 -4.36 17.13 9.82
CA LEU B 122 -4.21 16.90 11.25
C LEU B 122 -3.45 15.60 11.60
N GLN B 123 -3.49 14.59 10.71
CA GLN B 123 -2.85 13.29 10.90
C GLN B 123 -1.72 13.00 9.88
N SER B 124 -1.29 14.02 9.11
CA SER B 124 -0.30 13.81 8.04
C SER B 124 1.01 13.11 8.48
N GLN B 125 1.46 13.28 9.72
CA GLN B 125 2.71 12.64 10.19
C GLN B 125 2.49 11.22 10.67
N SER B 126 1.20 10.82 10.89
CA SER B 126 0.86 9.48 11.37
C SER B 126 1.46 8.32 10.53
N ASN B 127 2.07 7.38 11.22
CA ASN B 127 2.63 6.16 10.65
C ASN B 127 2.24 5.04 11.65
N PRO B 128 1.20 4.24 11.31
CA PRO B 128 0.71 3.20 12.25
C PRO B 128 1.71 2.07 12.60
N LEU B 129 2.88 2.08 12.00
CA LEU B 129 3.97 1.22 12.40
C LEU B 129 4.45 1.57 13.81
N HIS B 130 4.21 2.81 14.21
CA HIS B 130 4.53 3.35 15.53
C HIS B 130 3.22 3.67 16.30
N PRO B 131 2.53 2.64 16.89
CA PRO B 131 1.30 2.95 17.67
C PRO B 131 1.57 3.68 18.98
N ASP B 132 2.83 3.64 19.48
CA ASP B 132 3.28 4.33 20.70
C ASP B 132 3.34 5.84 20.44
N LEU B 133 3.65 6.24 19.20
CA LEU B 133 3.70 7.65 18.82
C LEU B 133 2.34 8.12 18.29
N TRP B 134 1.62 7.25 17.58
CA TRP B 134 0.31 7.62 17.06
C TRP B 134 -0.81 6.70 17.58
N PRO B 135 -1.13 6.67 18.92
CA PRO B 135 -2.27 5.83 19.38
C PRO B 135 -3.58 6.28 18.74
N SER B 136 -3.71 7.57 18.34
CA SER B 136 -4.89 8.08 17.61
C SER B 136 -5.26 7.17 16.40
N THR B 137 -4.27 6.83 15.56
CA THR B 137 -4.47 6.03 14.36
C THR B 137 -4.81 4.57 14.65
N ALA B 138 -4.20 3.95 15.68
CA ALA B 138 -4.49 2.57 16.08
C ALA B 138 -5.98 2.49 16.49
N LYS B 139 -6.48 3.52 17.20
CA LYS B 139 -7.89 3.66 17.61
C LYS B 139 -8.81 3.78 16.36
N PHE B 140 -8.44 4.64 15.40
CA PHE B 140 -9.16 4.86 14.14
C PHE B 140 -9.26 3.56 13.37
N GLU B 141 -8.15 2.82 13.24
CA GLU B 141 -8.14 1.55 12.53
C GLU B 141 -8.97 0.48 13.22
N ALA B 142 -8.95 0.43 14.55
CA ALA B 142 -9.74 -0.52 15.33
C ALA B 142 -11.24 -0.21 15.12
N GLU B 143 -11.59 1.07 15.14
CA GLU B 143 -12.99 1.48 15.04
C GLU B 143 -13.55 1.35 13.64
N VAL B 144 -12.73 1.57 12.58
CA VAL B 144 -13.12 1.35 11.17
C VAL B 144 -13.46 -0.13 10.96
N VAL B 145 -12.57 -1.03 11.45
CA VAL B 145 -12.75 -2.49 11.37
C VAL B 145 -14.04 -2.91 12.12
N ALA B 146 -14.20 -2.46 13.41
CA ALA B 146 -15.36 -2.77 14.26
C ALA B 146 -16.66 -2.31 13.60
N MET B 147 -16.72 -1.04 13.16
CA MET B 147 -17.92 -0.49 12.50
C MET B 147 -18.27 -1.22 11.20
N THR B 148 -17.25 -1.55 10.38
CA THR B 148 -17.44 -2.28 9.12
C THR B 148 -17.95 -3.68 9.38
N ALA B 149 -17.33 -4.41 10.34
CA ALA B 149 -17.73 -5.78 10.75
C ALA B 149 -19.18 -5.81 11.18
N HIS B 150 -19.60 -4.86 12.04
CA HIS B 150 -20.98 -4.72 12.50
C HIS B 150 -21.96 -4.49 11.32
N MET B 151 -21.57 -3.63 10.36
CA MET B 151 -22.36 -3.32 9.18
C MET B 151 -22.52 -4.55 8.28
N LEU B 152 -21.57 -5.50 8.33
CA LEU B 152 -21.59 -6.70 7.47
C LEU B 152 -21.99 -7.98 8.19
N GLY B 153 -22.88 -7.85 9.16
CA GLY B 153 -23.46 -8.98 9.89
C GLY B 153 -22.56 -9.68 10.88
N GLY B 154 -21.51 -8.99 11.36
CA GLY B 154 -20.53 -9.51 12.31
C GLY B 154 -21.07 -10.06 13.62
N ASP B 155 -22.16 -9.43 14.13
CA ASP B 155 -22.87 -9.81 15.37
C ASP B 155 -23.37 -11.25 15.32
N ALA B 156 -23.80 -11.69 14.11
CA ALA B 156 -24.30 -13.03 13.83
C ALA B 156 -23.23 -14.10 14.04
N ALA B 157 -21.96 -13.72 14.17
CA ALA B 157 -20.84 -14.63 14.43
C ALA B 157 -20.44 -14.68 15.91
N GLY B 158 -21.24 -14.04 16.78
CA GLY B 158 -21.03 -14.04 18.22
C GLY B 158 -19.92 -13.17 18.78
N GLY B 159 -19.43 -12.22 17.97
CA GLY B 159 -18.37 -11.32 18.38
C GLY B 159 -16.96 -11.77 18.05
N THR B 160 -16.80 -12.81 17.18
CA THR B 160 -15.46 -13.28 16.81
C THR B 160 -14.92 -12.63 15.53
N VAL B 161 -15.78 -11.88 14.80
CA VAL B 161 -15.41 -11.18 13.57
C VAL B 161 -14.34 -10.11 13.88
N CYS B 162 -13.22 -10.18 13.15
CA CYS B 162 -12.06 -9.30 13.38
C CYS B 162 -11.42 -9.05 12.03
N GLY B 163 -10.50 -8.09 11.97
CA GLY B 163 -9.82 -7.76 10.73
C GLY B 163 -8.82 -6.64 10.87
N THR B 164 -8.33 -6.18 9.74
CA THR B 164 -7.37 -5.08 9.66
C THR B 164 -7.80 -4.11 8.55
N VAL B 165 -7.28 -2.88 8.62
CA VAL B 165 -7.41 -1.87 7.58
C VAL B 165 -6.24 -2.19 6.61
N THR B 166 -6.48 -2.11 5.28
CA THR B 166 -5.49 -2.34 4.23
C THR B 166 -5.35 -1.07 3.35
N SER B 167 -4.41 -1.07 2.39
CA SER B 167 -4.17 0.03 1.44
C SER B 167 -5.24 0.11 0.35
N GLY B 168 -6.03 -0.95 0.17
CA GLY B 168 -7.05 -0.98 -0.86
C GLY B 168 -7.60 -2.37 -1.06
N GLY B 169 -8.58 -2.48 -1.97
CA GLY B 169 -9.29 -3.71 -2.29
C GLY B 169 -8.41 -4.86 -2.73
N THR B 170 -7.37 -4.56 -3.56
CA THR B 170 -6.39 -5.56 -4.06
C THR B 170 -5.70 -6.20 -2.88
N GLU B 171 -5.10 -5.39 -1.96
CA GLU B 171 -4.40 -5.89 -0.77
C GLU B 171 -5.33 -6.74 0.12
N SER B 172 -6.61 -6.33 0.33
CA SER B 172 -7.56 -7.16 1.10
C SER B 172 -7.73 -8.55 0.42
N LEU B 173 -7.89 -8.59 -0.91
CA LEU B 173 -8.00 -9.84 -1.68
C LEU B 173 -6.71 -10.67 -1.64
N LEU B 174 -5.56 -10.03 -1.80
CA LEU B 174 -4.26 -10.70 -1.77
C LEU B 174 -4.01 -11.29 -0.38
N LEU B 175 -4.30 -10.53 0.68
CA LEU B 175 -4.13 -10.96 2.08
C LEU B 175 -4.99 -12.15 2.44
N ALA B 176 -6.26 -12.15 2.02
CA ALA B 176 -7.21 -13.25 2.23
C ALA B 176 -6.70 -14.53 1.51
N MET B 177 -6.21 -14.42 0.27
CA MET B 177 -5.67 -15.57 -0.47
C MET B 177 -4.44 -16.20 0.19
N LYS B 178 -3.56 -15.37 0.75
CA LYS B 178 -2.33 -15.81 1.40
C LYS B 178 -2.68 -16.44 2.75
N THR B 179 -3.65 -15.84 3.47
CA THR B 179 -4.16 -16.37 4.74
C THR B 179 -4.73 -17.79 4.53
N TYR B 180 -5.63 -17.96 3.53
CA TYR B 180 -6.18 -19.29 3.20
C TYR B 180 -5.13 -20.30 2.79
N ARG B 181 -4.09 -19.85 2.05
CA ARG B 181 -2.97 -20.70 1.65
C ARG B 181 -2.20 -21.18 2.91
N ASP B 182 -1.80 -20.23 3.80
CA ASP B 182 -1.02 -20.52 4.99
C ASP B 182 -1.79 -21.34 6.02
N TRP B 183 -3.08 -21.03 6.19
CA TRP B 183 -3.99 -21.76 7.06
C TRP B 183 -4.10 -23.23 6.60
N ALA B 184 -4.31 -23.45 5.29
CA ALA B 184 -4.44 -24.80 4.70
C ALA B 184 -3.16 -25.63 4.76
N ARG B 185 -1.98 -25.00 4.58
CA ARG B 185 -0.72 -25.73 4.67
C ARG B 185 -0.53 -26.20 6.11
N ALA B 186 -0.77 -25.30 7.08
CA ALA B 186 -0.61 -25.56 8.50
C ALA B 186 -1.57 -26.57 9.09
N THR B 187 -2.85 -26.58 8.64
CA THR B 187 -3.88 -27.41 9.26
C THR B 187 -4.42 -28.56 8.40
N LYS B 188 -4.08 -28.59 7.11
CA LYS B 188 -4.56 -29.64 6.21
C LYS B 188 -3.41 -30.30 5.46
N GLY B 189 -2.20 -29.76 5.61
CA GLY B 189 -0.99 -30.25 4.97
C GLY B 189 -0.96 -30.01 3.47
N ILE B 190 -1.78 -29.03 3.00
CA ILE B 190 -1.86 -28.68 1.56
C ILE B 190 -0.63 -27.87 1.12
N THR B 191 0.15 -28.41 0.17
CA THR B 191 1.37 -27.78 -0.35
C THR B 191 1.21 -27.35 -1.82
N ALA B 192 0.13 -27.79 -2.48
CA ALA B 192 -0.17 -27.41 -3.88
C ALA B 192 -1.60 -26.79 -3.82
N PRO B 193 -1.75 -25.58 -3.22
CA PRO B 193 -3.11 -25.02 -3.00
C PRO B 193 -3.86 -24.55 -4.24
N GLU B 194 -5.18 -24.68 -4.22
CA GLU B 194 -6.03 -24.23 -5.32
C GLU B 194 -7.13 -23.33 -4.80
N ALA B 195 -7.67 -22.47 -5.68
CA ALA B 195 -8.78 -21.58 -5.35
C ALA B 195 -9.76 -21.57 -6.52
N VAL B 196 -11.05 -21.58 -6.20
CA VAL B 196 -12.13 -21.63 -7.18
C VAL B 196 -12.89 -20.33 -7.17
N VAL B 197 -12.90 -19.61 -8.30
CA VAL B 197 -13.61 -18.35 -8.38
C VAL B 197 -14.40 -18.28 -9.69
N PRO B 198 -15.52 -17.50 -9.74
CA PRO B 198 -16.19 -17.28 -11.03
C PRO B 198 -15.29 -16.46 -11.96
N VAL B 199 -15.41 -16.63 -13.28
CA VAL B 199 -14.62 -15.91 -14.29
C VAL B 199 -14.66 -14.38 -14.11
N SER B 200 -15.78 -13.87 -13.60
CA SER B 200 -16.06 -12.47 -13.32
C SER B 200 -15.33 -11.91 -12.07
N ALA B 201 -14.78 -12.77 -11.20
CA ALA B 201 -14.10 -12.32 -9.99
C ALA B 201 -12.88 -11.46 -10.37
N HIS B 202 -12.61 -10.41 -9.60
CA HIS B 202 -11.53 -9.43 -9.85
C HIS B 202 -10.22 -10.06 -10.32
N ALA B 203 -9.51 -9.36 -11.23
CA ALA B 203 -8.21 -9.75 -11.77
C ALA B 203 -7.16 -9.94 -10.66
N ALA B 204 -7.37 -9.32 -9.48
CA ALA B 204 -6.50 -9.46 -8.30
C ALA B 204 -6.37 -10.90 -7.81
N PHE B 205 -7.40 -11.77 -8.07
CA PHE B 205 -7.35 -13.20 -7.70
C PHE B 205 -6.23 -13.89 -8.53
N ASP B 206 -6.02 -13.44 -9.78
CA ASP B 206 -4.94 -13.94 -10.62
C ASP B 206 -3.57 -13.43 -10.11
N LYS B 207 -3.53 -12.15 -9.64
CA LYS B 207 -2.30 -11.54 -9.11
C LYS B 207 -1.87 -12.36 -7.88
N ALA B 208 -2.83 -12.67 -6.97
CA ALA B 208 -2.67 -13.52 -5.79
C ALA B 208 -2.19 -14.91 -6.11
N ALA B 209 -2.81 -15.55 -7.11
CA ALA B 209 -2.46 -16.90 -7.54
C ALA B 209 -0.98 -16.94 -7.97
N GLN B 210 -0.58 -15.94 -8.77
CA GLN B 210 0.78 -15.82 -9.30
C GLN B 210 1.82 -15.45 -8.22
N TYR B 211 1.44 -14.54 -7.31
CA TYR B 211 2.30 -14.10 -6.22
C TYR B 211 2.59 -15.24 -5.24
N PHE B 212 1.52 -15.87 -4.71
CA PHE B 212 1.60 -16.87 -3.65
C PHE B 212 1.57 -18.34 -4.08
N GLY B 213 1.61 -18.62 -5.37
CA GLY B 213 1.69 -19.99 -5.86
C GLY B 213 0.48 -20.83 -5.57
N ILE B 214 -0.71 -20.26 -5.84
CA ILE B 214 -1.99 -20.93 -5.66
C ILE B 214 -2.55 -21.17 -7.06
N LYS B 215 -3.02 -22.39 -7.36
CA LYS B 215 -3.63 -22.68 -8.66
C LYS B 215 -5.05 -22.07 -8.68
N LEU B 216 -5.28 -21.07 -9.55
CA LEU B 216 -6.61 -20.47 -9.63
C LEU B 216 -7.44 -21.15 -10.73
N VAL B 217 -8.65 -21.59 -10.39
CA VAL B 217 -9.58 -22.24 -11.31
C VAL B 217 -10.79 -21.31 -11.47
N ARG B 218 -10.93 -20.70 -12.65
CA ARG B 218 -12.03 -19.79 -12.98
C ARG B 218 -13.19 -20.55 -13.60
N THR B 219 -14.40 -20.43 -12.99
CA THR B 219 -15.57 -21.19 -13.40
C THR B 219 -16.59 -20.33 -14.20
N PRO B 220 -17.40 -20.94 -15.11
CA PRO B 220 -18.30 -20.14 -15.95
C PRO B 220 -19.51 -19.50 -15.26
N LEU B 221 -20.13 -18.55 -15.96
CA LEU B 221 -21.31 -17.90 -15.44
C LEU B 221 -22.58 -18.51 -16.03
N ASP B 222 -23.74 -18.19 -15.43
CA ASP B 222 -25.04 -18.62 -15.96
C ASP B 222 -25.55 -17.52 -16.92
N ALA B 223 -26.78 -17.66 -17.46
CA ALA B 223 -27.42 -16.69 -18.37
C ALA B 223 -27.61 -15.31 -17.71
N ASP B 224 -27.65 -15.26 -16.38
CA ASP B 224 -27.80 -14.02 -15.61
C ASP B 224 -26.44 -13.37 -15.27
N TYR B 225 -25.34 -13.93 -15.81
CA TYR B 225 -23.96 -13.44 -15.56
C TYR B 225 -23.56 -13.62 -14.09
N ARG B 226 -24.26 -14.51 -13.39
CA ARG B 226 -24.01 -14.86 -12.00
C ARG B 226 -23.21 -16.15 -12.04
N ALA B 227 -22.49 -16.46 -10.96
CA ALA B 227 -21.70 -17.68 -10.86
C ALA B 227 -22.56 -18.94 -10.93
N ASP B 228 -22.13 -19.89 -11.77
CA ASP B 228 -22.72 -21.21 -11.93
C ASP B 228 -22.03 -22.00 -10.81
N VAL B 229 -22.78 -22.24 -9.72
CA VAL B 229 -22.31 -22.94 -8.52
C VAL B 229 -22.11 -24.43 -8.77
N ALA B 230 -22.89 -25.04 -9.70
CA ALA B 230 -22.72 -26.46 -10.07
C ALA B 230 -21.32 -26.65 -10.64
N ALA B 231 -20.87 -25.70 -11.47
CA ALA B 231 -19.50 -25.70 -12.05
C ALA B 231 -18.42 -25.53 -10.96
N MET B 232 -18.70 -24.73 -9.89
CA MET B 232 -17.76 -24.49 -8.79
C MET B 232 -17.53 -25.76 -7.98
N ARG B 233 -18.64 -26.47 -7.70
CA ARG B 233 -18.66 -27.77 -7.04
C ARG B 233 -17.78 -28.78 -7.81
N GLU B 234 -17.90 -28.83 -9.16
CA GLU B 234 -17.13 -29.70 -10.05
C GLU B 234 -15.63 -29.38 -10.10
N ALA B 235 -15.24 -28.15 -9.74
CA ALA B 235 -13.84 -27.73 -9.71
C ALA B 235 -13.16 -28.05 -8.36
N ILE B 236 -13.96 -28.31 -7.30
CA ILE B 236 -13.40 -28.57 -5.98
C ILE B 236 -12.66 -29.92 -5.91
N THR B 237 -11.39 -29.88 -5.48
CA THR B 237 -10.50 -31.04 -5.29
C THR B 237 -10.04 -31.06 -3.82
N PRO B 238 -9.38 -32.13 -3.28
CA PRO B 238 -8.90 -32.05 -1.90
C PRO B 238 -7.85 -30.94 -1.70
N ASN B 239 -7.33 -30.35 -2.80
CA ASN B 239 -6.35 -29.27 -2.72
C ASN B 239 -6.98 -27.85 -2.68
N THR B 240 -8.32 -27.74 -2.72
CA THR B 240 -8.99 -26.45 -2.70
C THR B 240 -8.98 -25.87 -1.30
N VAL B 241 -8.43 -24.66 -1.14
CA VAL B 241 -8.32 -24.01 0.17
C VAL B 241 -9.43 -22.98 0.40
N VAL B 242 -10.00 -22.44 -0.68
CA VAL B 242 -11.01 -21.39 -0.65
C VAL B 242 -11.81 -21.33 -1.97
N VAL B 243 -13.03 -20.79 -1.88
CA VAL B 243 -13.89 -20.45 -3.01
C VAL B 243 -14.27 -18.99 -2.82
N ALA B 244 -14.63 -18.30 -3.91
CA ALA B 244 -15.02 -16.91 -3.72
C ALA B 244 -16.20 -16.52 -4.56
N GLY B 245 -16.94 -15.52 -4.09
CA GLY B 245 -18.07 -14.95 -4.79
C GLY B 245 -17.93 -13.45 -4.71
N SER B 246 -18.55 -12.73 -5.66
CA SER B 246 -18.47 -11.27 -5.69
C SER B 246 -19.78 -10.64 -5.29
N ALA B 247 -19.70 -9.56 -4.50
CA ALA B 247 -20.89 -8.89 -4.03
C ALA B 247 -20.86 -7.36 -4.16
N PRO B 248 -21.05 -6.79 -5.38
CA PRO B 248 -21.16 -7.45 -6.69
C PRO B 248 -19.81 -7.57 -7.39
N GLY B 249 -19.77 -8.26 -8.52
CA GLY B 249 -18.55 -8.30 -9.33
C GLY B 249 -18.40 -6.97 -10.05
N PHE B 250 -17.15 -6.57 -10.35
CA PHE B 250 -16.90 -5.32 -11.07
C PHE B 250 -17.44 -5.32 -12.50
N PRO B 251 -17.24 -6.40 -13.33
CA PRO B 251 -17.63 -6.28 -14.75
C PRO B 251 -19.07 -5.90 -15.01
N HIS B 252 -20.01 -6.69 -14.45
CA HIS B 252 -21.43 -6.55 -14.73
C HIS B 252 -22.28 -6.11 -13.53
N GLY B 253 -21.64 -5.80 -12.40
CA GLY B 253 -22.30 -5.29 -11.21
C GLY B 253 -23.37 -6.20 -10.62
N VAL B 254 -23.23 -7.52 -10.82
CA VAL B 254 -24.19 -8.49 -10.30
C VAL B 254 -23.64 -9.22 -9.06
N VAL B 255 -24.51 -9.46 -8.07
CA VAL B 255 -24.13 -10.16 -6.85
C VAL B 255 -24.23 -11.65 -7.15
N ASP B 256 -23.18 -12.44 -6.84
CA ASP B 256 -23.20 -13.89 -7.07
C ASP B 256 -24.11 -14.63 -6.06
N PRO B 257 -24.41 -15.93 -6.26
CA PRO B 257 -25.23 -16.65 -5.27
C PRO B 257 -24.37 -17.04 -4.07
N ILE B 258 -24.11 -16.06 -3.19
CA ILE B 258 -23.25 -16.21 -2.01
C ILE B 258 -23.78 -17.30 -1.06
N PRO B 259 -25.12 -17.37 -0.75
CA PRO B 259 -25.62 -18.48 0.09
C PRO B 259 -25.19 -19.86 -0.40
N GLU B 260 -25.36 -20.14 -1.70
CA GLU B 260 -24.98 -21.39 -2.36
C GLU B 260 -23.48 -21.63 -2.32
N ILE B 261 -22.67 -20.60 -2.61
CA ILE B 261 -21.21 -20.68 -2.57
C ILE B 261 -20.70 -20.97 -1.12
N ALA B 262 -21.25 -20.25 -0.13
CA ALA B 262 -20.91 -20.39 1.28
C ALA B 262 -21.30 -21.79 1.80
N ALA B 263 -22.42 -22.36 1.30
CA ALA B 263 -22.87 -23.73 1.66
C ALA B 263 -21.87 -24.75 1.08
N LEU B 264 -21.49 -24.55 -0.17
CA LEU B 264 -20.47 -25.35 -0.83
C LEU B 264 -19.14 -25.41 -0.08
N ALA B 265 -18.67 -24.28 0.40
CA ALA B 265 -17.43 -24.15 1.16
C ALA B 265 -17.50 -24.85 2.52
N ALA B 266 -18.59 -24.61 3.29
CA ALA B 266 -18.84 -25.21 4.62
C ALA B 266 -18.88 -26.73 4.55
N GLU B 267 -19.54 -27.26 3.51
CA GLU B 267 -19.68 -28.68 3.21
C GLU B 267 -18.32 -29.34 2.96
N HIS B 268 -17.38 -28.60 2.34
CA HIS B 268 -16.05 -29.11 2.05
C HIS B 268 -14.99 -28.74 3.11
N GLY B 269 -15.38 -27.97 4.12
CA GLY B 269 -14.49 -27.51 5.19
C GLY B 269 -13.42 -26.53 4.72
N ILE B 270 -13.69 -25.83 3.60
CA ILE B 270 -12.78 -24.84 3.02
C ILE B 270 -13.28 -23.42 3.30
N GLY B 271 -12.41 -22.44 3.07
CA GLY B 271 -12.81 -21.05 3.28
C GLY B 271 -13.75 -20.52 2.21
N CYS B 272 -14.55 -19.51 2.53
CA CYS B 272 -15.38 -18.81 1.55
C CYS B 272 -15.10 -17.31 1.69
N HIS B 273 -14.49 -16.71 0.65
CA HIS B 273 -14.20 -15.29 0.67
C HIS B 273 -15.25 -14.52 -0.13
N VAL B 274 -15.82 -13.45 0.45
CA VAL B 274 -16.77 -12.62 -0.29
C VAL B 274 -16.07 -11.30 -0.71
N ASP B 275 -15.96 -11.07 -2.03
CA ASP B 275 -15.39 -9.81 -2.46
C ASP B 275 -16.49 -8.73 -2.51
N ALA B 276 -16.67 -8.01 -1.40
CA ALA B 276 -17.62 -6.90 -1.31
C ALA B 276 -16.88 -5.52 -1.37
N CYS B 277 -15.73 -5.47 -2.09
CA CYS B 277 -14.94 -4.24 -2.26
C CYS B 277 -15.81 -3.11 -2.83
N LEU B 278 -16.61 -3.46 -3.84
CA LEU B 278 -17.50 -2.54 -4.51
C LEU B 278 -18.87 -2.40 -3.83
N GLY B 279 -19.37 -3.46 -3.18
CA GLY B 279 -20.71 -3.42 -2.61
C GLY B 279 -20.92 -3.36 -1.10
N GLY B 280 -19.85 -3.48 -0.32
CA GLY B 280 -19.89 -3.48 1.15
C GLY B 280 -20.56 -2.29 1.78
N PHE B 281 -20.44 -1.10 1.17
CA PHE B 281 -21.05 0.14 1.68
C PHE B 281 -22.30 0.57 0.90
N ILE B 282 -22.82 -0.30 0.04
CA ILE B 282 -24.04 -0.08 -0.75
C ILE B 282 -25.15 -1.10 -0.37
N LEU B 283 -24.84 -2.41 -0.49
CA LEU B 283 -25.73 -3.56 -0.27
C LEU B 283 -26.44 -3.58 1.11
N PRO B 284 -25.79 -3.39 2.29
CA PRO B 284 -26.57 -3.39 3.55
C PRO B 284 -27.68 -2.33 3.52
N TRP B 285 -27.38 -1.16 2.94
CA TRP B 285 -28.28 -0.02 2.81
C TRP B 285 -29.32 -0.24 1.73
N ALA B 286 -28.97 -0.96 0.63
CA ALA B 286 -29.92 -1.34 -0.42
C ALA B 286 -31.01 -2.27 0.16
N GLU B 287 -30.62 -3.20 1.05
CA GLU B 287 -31.50 -4.15 1.74
C GLU B 287 -32.54 -3.44 2.57
N ARG B 288 -32.09 -2.48 3.42
CA ARG B 288 -32.92 -1.66 4.32
C ARG B 288 -33.92 -0.84 3.52
N LEU B 289 -33.56 -0.47 2.28
CA LEU B 289 -34.41 0.29 1.38
C LEU B 289 -35.45 -0.56 0.64
N GLY B 290 -35.37 -1.88 0.78
CA GLY B 290 -36.32 -2.77 0.13
C GLY B 290 -35.93 -3.32 -1.21
N TYR B 291 -34.68 -3.03 -1.67
CA TYR B 291 -34.16 -3.54 -2.93
C TYR B 291 -33.81 -5.03 -2.82
N PRO B 292 -33.96 -5.83 -3.90
CA PRO B 292 -33.60 -7.26 -3.80
C PRO B 292 -32.09 -7.47 -3.79
N VAL B 293 -31.55 -8.02 -2.70
CA VAL B 293 -30.13 -8.32 -2.61
C VAL B 293 -29.95 -9.69 -1.96
N PRO B 294 -29.16 -10.59 -2.57
CA PRO B 294 -28.89 -11.88 -1.90
C PRO B 294 -28.03 -11.65 -0.65
N PRO B 295 -28.38 -12.23 0.54
CA PRO B 295 -27.48 -12.09 1.72
C PRO B 295 -26.09 -12.54 1.30
N PHE B 296 -25.08 -11.75 1.63
CA PHE B 296 -23.72 -11.94 1.13
C PHE B 296 -22.64 -11.83 2.22
N ASP B 297 -23.01 -11.65 3.50
CA ASP B 297 -22.01 -11.38 4.52
C ASP B 297 -21.91 -12.43 5.66
N PHE B 298 -21.48 -11.99 6.85
CA PHE B 298 -21.29 -12.86 8.01
C PHE B 298 -22.60 -13.43 8.58
N ARG B 299 -23.79 -13.01 8.07
CA ARG B 299 -25.09 -13.61 8.42
C ARG B 299 -25.04 -15.10 7.99
N LEU B 300 -24.26 -15.42 6.93
CA LEU B 300 -24.14 -16.78 6.40
C LEU B 300 -22.97 -17.47 7.11
N GLU B 301 -23.22 -18.61 7.77
CA GLU B 301 -22.20 -19.38 8.52
C GLU B 301 -20.97 -19.79 7.69
N GLY B 302 -21.19 -20.17 6.44
CA GLY B 302 -20.15 -20.58 5.51
C GLY B 302 -19.15 -19.51 5.11
N VAL B 303 -19.56 -18.22 5.17
CA VAL B 303 -18.68 -17.08 4.82
C VAL B 303 -17.60 -16.94 5.91
N THR B 304 -16.31 -17.06 5.53
CA THR B 304 -15.20 -17.01 6.49
C THR B 304 -14.39 -15.70 6.43
N SER B 305 -14.56 -14.92 5.34
CA SER B 305 -13.91 -13.61 5.19
C SER B 305 -14.66 -12.75 4.18
N VAL B 306 -14.64 -11.44 4.42
CA VAL B 306 -15.29 -10.40 3.59
C VAL B 306 -14.29 -9.25 3.44
N SER B 307 -14.20 -8.69 2.22
CA SER B 307 -13.36 -7.54 1.92
C SER B 307 -14.30 -6.43 1.50
N ALA B 308 -14.06 -5.19 1.98
CA ALA B 308 -14.93 -4.04 1.65
C ALA B 308 -14.08 -2.77 1.63
N ASP B 309 -14.29 -1.95 0.59
CA ASP B 309 -13.50 -0.75 0.39
C ASP B 309 -14.13 0.51 0.95
N THR B 310 -13.45 1.06 1.97
CA THR B 310 -13.78 2.34 2.59
C THR B 310 -13.47 3.48 1.58
N HIS B 311 -12.47 3.28 0.69
CA HIS B 311 -12.11 4.27 -0.32
C HIS B 311 -12.99 4.21 -1.58
N TYR B 313 -17.40 3.17 -1.85
CA TYR B 313 -18.64 3.77 -1.34
C TYR B 313 -18.65 4.02 0.17
N GLY B 314 -17.52 3.80 0.85
CA GLY B 314 -17.34 4.21 2.24
C GLY B 314 -17.13 5.72 2.30
N TYR B 315 -16.73 6.35 1.17
CA TYR B 315 -16.46 7.78 0.96
C TYR B 315 -15.20 8.29 1.70
N GLY B 316 -14.33 7.38 2.13
CA GLY B 316 -13.04 7.75 2.70
C GLY B 316 -12.11 8.15 1.58
N ALA B 317 -10.96 8.75 1.89
CA ALA B 317 -10.04 9.12 0.80
C ALA B 317 -9.34 7.86 0.22
N LYS B 318 -8.84 7.93 -1.03
CA LYS B 318 -8.13 6.81 -1.68
C LYS B 318 -6.98 6.30 -0.78
N GLY B 319 -6.81 4.98 -0.73
CA GLY B 319 -5.74 4.38 0.04
C GLY B 319 -6.15 3.49 1.18
N THR B 320 -7.44 3.12 1.30
CA THR B 320 -7.90 2.24 2.39
C THR B 320 -8.99 1.26 1.95
N SER B 321 -8.99 0.10 2.60
CA SER B 321 -9.98 -0.96 2.47
C SER B 321 -9.92 -1.72 3.78
N VAL B 322 -10.83 -2.70 3.95
CA VAL B 322 -10.93 -3.51 5.16
C VAL B 322 -10.99 -5.00 4.75
N ILE B 323 -10.27 -5.86 5.46
CA ILE B 323 -10.34 -7.30 5.34
C ILE B 323 -10.87 -7.84 6.69
N LEU B 324 -11.96 -8.57 6.65
CA LEU B 324 -12.59 -9.16 7.82
C LEU B 324 -12.54 -10.68 7.74
N TYR B 325 -12.36 -11.34 8.89
CA TYR B 325 -12.37 -12.81 8.98
C TYR B 325 -13.39 -13.18 10.05
N ARG B 326 -13.99 -14.35 9.94
CA ARG B 326 -15.00 -14.80 10.90
C ARG B 326 -14.40 -15.10 12.30
N ARG B 327 -13.11 -15.51 12.36
CA ARG B 327 -12.45 -15.91 13.61
C ARG B 327 -11.02 -15.37 13.76
N PRO B 328 -10.52 -15.17 15.01
CA PRO B 328 -9.11 -14.77 15.21
C PRO B 328 -8.09 -15.80 14.72
N ASP B 329 -8.39 -17.09 14.86
CA ASP B 329 -7.51 -18.19 14.42
C ASP B 329 -7.17 -18.09 12.95
N LEU B 330 -8.13 -17.59 12.16
CA LEU B 330 -8.01 -17.34 10.73
C LEU B 330 -7.15 -16.07 10.48
N LEU B 331 -7.52 -14.96 11.08
CA LEU B 331 -6.77 -13.72 11.03
C LEU B 331 -5.29 -13.81 11.37
N HIS B 332 -4.94 -14.58 12.39
CA HIS B 332 -3.56 -14.80 12.81
C HIS B 332 -2.68 -15.37 11.73
N TYR B 333 -3.23 -16.04 10.70
CA TYR B 333 -2.41 -16.53 9.56
C TYR B 333 -2.03 -15.37 8.58
N GLN B 334 -2.61 -14.17 8.77
CA GLN B 334 -2.36 -13.02 7.89
C GLN B 334 -1.06 -12.31 8.31
N TYR B 335 -0.82 -12.29 9.63
CA TYR B 335 0.27 -11.62 10.31
C TYR B 335 1.64 -12.14 9.91
N PHE B 336 2.62 -11.22 9.84
CA PHE B 336 4.01 -11.56 9.60
C PHE B 336 4.75 -11.26 10.90
N ILE B 337 5.65 -12.17 11.33
CA ILE B 337 6.43 -11.98 12.56
C ILE B 337 7.85 -12.46 12.32
N ALA B 338 8.82 -11.56 12.50
CA ALA B 338 10.24 -11.88 12.42
C ALA B 338 10.76 -11.84 13.84
N ALA B 339 11.38 -12.94 14.30
CA ALA B 339 11.86 -13.07 15.67
C ALA B 339 13.38 -12.98 15.85
N ASP B 340 14.17 -13.23 14.79
CA ASP B 340 15.63 -13.31 14.83
C ASP B 340 16.38 -12.16 14.12
N TRP B 341 15.66 -11.09 13.75
CA TRP B 341 16.29 -9.95 13.07
C TRP B 341 16.96 -9.01 14.08
N PRO B 342 18.28 -8.66 13.89
CA PRO B 342 18.93 -7.67 14.80
C PRO B 342 18.21 -6.32 14.92
N GLY B 343 17.31 -5.99 13.99
CA GLY B 343 16.54 -4.75 14.03
C GLY B 343 15.43 -4.73 15.06
N GLY B 344 15.31 -5.83 15.82
CA GLY B 344 14.30 -6.00 16.86
C GLY B 344 13.17 -6.91 16.43
N ILE B 345 12.25 -7.21 17.38
CA ILE B 345 11.04 -8.00 17.11
C ILE B 345 10.17 -7.17 16.18
N TYR B 346 9.83 -7.77 15.04
CA TYR B 346 9.10 -7.11 13.98
C TYR B 346 7.83 -7.89 13.66
N ALA B 347 6.69 -7.23 13.82
CA ALA B 347 5.38 -7.78 13.56
C ALA B 347 4.60 -6.88 12.56
N SER B 348 4.03 -7.48 11.52
CA SER B 348 3.24 -6.77 10.51
C SER B 348 1.84 -7.35 10.43
N PRO B 349 0.76 -6.57 10.66
CA PRO B 349 -0.59 -7.14 10.49
C PRO B 349 -0.97 -7.34 9.02
N THR B 350 -0.35 -6.54 8.09
CA THR B 350 -0.64 -6.58 6.66
C THR B 350 0.65 -6.73 5.85
N PHE B 351 0.63 -6.41 4.54
CA PHE B 351 1.85 -6.52 3.73
C PHE B 351 2.88 -5.44 4.03
N ALA B 352 2.42 -4.21 4.31
CA ALA B 352 3.30 -3.05 4.49
C ALA B 352 3.99 -2.95 5.82
N GLY B 353 5.00 -2.08 5.85
CA GLY B 353 5.72 -1.66 7.05
C GLY B 353 5.12 -0.31 7.40
N SER B 354 5.80 0.80 7.04
CA SER B 354 5.28 2.16 7.20
C SER B 354 4.04 2.31 6.33
N ARG B 355 3.09 3.08 6.80
CA ARG B 355 1.82 3.29 6.10
C ARG B 355 1.37 4.71 6.31
N PRO B 356 0.55 5.24 5.35
CA PRO B 356 0.03 6.60 5.52
C PRO B 356 -1.17 6.61 6.48
N GLY B 357 -0.90 6.69 7.79
CA GLY B 357 -1.94 6.71 8.82
C GLY B 357 -3.04 7.73 8.66
N ALA B 358 -2.73 8.85 7.99
CA ALA B 358 -3.71 9.90 7.71
C ALA B 358 -4.89 9.39 6.87
N LEU B 359 -4.66 8.40 5.97
CA LEU B 359 -5.74 7.85 5.13
C LEU B 359 -6.74 7.03 5.94
N SER B 360 -6.28 6.33 7.00
CA SER B 360 -7.13 5.61 7.96
C SER B 360 -8.00 6.63 8.72
N ALA B 361 -7.42 7.80 9.05
CA ALA B 361 -8.14 8.85 9.74
C ALA B 361 -9.25 9.39 8.83
N THR B 362 -8.99 9.52 7.50
CA THR B 362 -10.04 10.01 6.59
C THR B 362 -11.19 9.00 6.50
N ALA B 363 -10.88 7.68 6.61
CA ALA B 363 -11.89 6.60 6.56
C ALA B 363 -12.75 6.68 7.83
N TRP B 364 -12.12 6.88 9.00
CA TRP B 364 -12.77 6.99 10.30
C TRP B 364 -13.70 8.20 10.32
N ALA B 365 -13.15 9.38 9.91
CA ALA B 365 -13.86 10.65 9.84
C ALA B 365 -15.10 10.58 8.90
N ALA B 366 -14.95 10.02 7.69
CA ALA B 366 -16.03 9.86 6.72
C ALA B 366 -17.19 9.02 7.32
N MET B 367 -16.90 7.81 7.83
CA MET B 367 -17.88 6.89 8.45
C MET B 367 -18.69 7.60 9.57
N LEU B 368 -17.99 8.32 10.48
CA LEU B 368 -18.58 9.08 11.60
C LEU B 368 -19.44 10.24 11.17
N SER B 369 -19.04 10.97 10.12
CA SER B 369 -19.77 12.16 9.64
C SER B 369 -21.05 11.80 8.91
N LEU B 370 -21.08 10.60 8.33
CA LEU B 370 -22.24 10.10 7.63
C LEU B 370 -23.16 9.28 8.55
N GLY B 371 -22.61 8.32 9.30
CA GLY B 371 -23.42 7.41 10.12
C GLY B 371 -24.40 6.58 9.28
N GLU B 372 -25.31 5.84 9.93
CA GLU B 372 -26.29 5.02 9.20
C GLU B 372 -27.19 5.83 8.25
N GLU B 373 -27.70 6.98 8.72
CA GLU B 373 -28.56 7.88 7.95
C GLU B 373 -27.83 8.40 6.70
N GLY B 374 -26.55 8.77 6.84
CA GLY B 374 -25.74 9.26 5.72
C GLY B 374 -25.57 8.20 4.66
N TYR B 375 -25.22 6.97 5.05
CA TYR B 375 -25.06 5.88 4.08
C TYR B 375 -26.36 5.48 3.41
N LEU B 376 -27.47 5.47 4.17
CA LEU B 376 -28.82 5.15 3.68
C LEU B 376 -29.27 6.22 2.67
N ASP B 377 -29.03 7.52 2.96
CA ASP B 377 -29.35 8.62 2.02
C ASP B 377 -28.51 8.53 0.73
N ALA B 378 -27.17 8.29 0.83
CA ALA B 378 -26.26 8.17 -0.32
C ALA B 378 -26.67 7.01 -1.22
N THR B 379 -26.98 5.84 -0.63
CA THR B 379 -27.40 4.62 -1.34
C THR B 379 -28.72 4.82 -2.05
N ARG B 380 -29.68 5.50 -1.40
CA ARG B 380 -31.00 5.82 -1.95
C ARG B 380 -30.80 6.65 -3.23
N ARG B 381 -30.02 7.71 -3.17
CA ARG B 381 -29.71 8.58 -4.32
C ARG B 381 -29.08 7.79 -5.47
N ILE B 382 -28.02 6.96 -5.18
CA ILE B 382 -27.33 6.16 -6.20
C ILE B 382 -28.28 5.13 -6.83
N LEU B 383 -29.07 4.39 -6.00
CA LEU B 383 -30.03 3.39 -6.50
C LEU B 383 -31.16 4.02 -7.32
N GLN B 384 -31.62 5.22 -6.93
CA GLN B 384 -32.62 5.96 -7.69
C GLN B 384 -32.06 6.41 -9.04
N ALA B 385 -30.79 6.88 -9.07
CA ALA B 385 -30.14 7.24 -10.33
C ALA B 385 -30.01 5.98 -11.20
N ALA B 386 -29.62 4.84 -10.59
CA ALA B 386 -29.49 3.56 -11.31
C ALA B 386 -30.80 3.07 -11.92
N ASP B 387 -31.94 3.16 -11.18
CA ASP B 387 -33.28 2.74 -11.62
C ASP B 387 -33.68 3.48 -12.89
N ARG B 388 -33.45 4.80 -12.89
CA ARG B 388 -33.74 5.75 -13.97
C ARG B 388 -32.82 5.49 -15.17
N LEU B 389 -31.53 5.17 -14.91
CA LEU B 389 -30.57 4.89 -15.97
C LEU B 389 -30.88 3.53 -16.63
N LYS B 390 -31.16 2.49 -15.82
CA LYS B 390 -31.54 1.17 -16.35
C LYS B 390 -32.81 1.25 -17.17
N ALA B 391 -33.84 2.00 -16.71
CA ALA B 391 -35.11 2.17 -17.44
C ALA B 391 -34.88 2.78 -18.84
N GLY B 392 -34.07 3.84 -18.90
CA GLY B 392 -33.71 4.53 -20.14
C GLY B 392 -32.99 3.62 -21.11
N VAL B 393 -32.00 2.84 -20.61
CA VAL B 393 -31.24 1.87 -21.43
C VAL B 393 -32.19 0.83 -22.05
N ARG B 394 -33.13 0.29 -21.23
CA ARG B 394 -34.12 -0.70 -21.66
C ARG B 394 -35.11 -0.14 -22.73
N ALA B 395 -35.21 1.21 -22.85
CA ALA B 395 -36.04 1.91 -23.85
C ALA B 395 -35.32 2.12 -25.20
N ILE B 396 -34.06 1.60 -25.32
CA ILE B 396 -33.22 1.60 -26.53
C ILE B 396 -33.03 0.10 -26.91
N PRO B 397 -33.96 -0.51 -27.72
CA PRO B 397 -33.93 -1.97 -28.00
C PRO B 397 -32.65 -2.57 -28.64
N SER B 398 -31.77 -1.75 -29.25
CA SER B 398 -30.50 -2.21 -29.84
C SER B 398 -29.49 -2.60 -28.74
N LEU B 399 -29.68 -2.06 -27.53
CA LEU B 399 -28.82 -2.32 -26.39
C LEU B 399 -29.46 -3.30 -25.42
N LYS B 400 -28.62 -3.95 -24.61
CA LYS B 400 -29.07 -4.86 -23.56
C LYS B 400 -28.19 -4.66 -22.35
N ILE B 401 -28.77 -4.82 -21.17
CA ILE B 401 -28.01 -4.79 -19.93
C ILE B 401 -27.64 -6.25 -19.67
N LEU B 402 -26.43 -6.51 -19.20
CA LEU B 402 -25.96 -7.85 -18.86
C LEU B 402 -26.37 -8.14 -17.42
N GLY B 403 -27.22 -9.14 -17.24
CA GLY B 403 -27.74 -9.51 -15.93
C GLY B 403 -28.71 -8.50 -15.38
N ASP B 404 -28.91 -8.50 -14.04
CA ASP B 404 -29.78 -7.55 -13.38
C ASP B 404 -29.05 -6.81 -12.25
N PRO B 405 -28.17 -5.84 -12.60
CA PRO B 405 -27.40 -5.16 -11.55
C PRO B 405 -28.17 -4.07 -10.83
N LEU B 406 -27.78 -3.80 -9.58
CA LEU B 406 -28.41 -2.73 -8.81
C LEU B 406 -27.88 -1.33 -9.16
N TRP B 407 -26.56 -1.13 -9.45
CA TRP B 407 -26.04 0.24 -9.73
C TRP B 407 -24.76 0.28 -10.62
N VAL B 408 -24.12 -0.88 -10.91
CA VAL B 408 -22.95 -0.95 -11.82
C VAL B 408 -23.49 -1.61 -13.12
N ILE B 409 -23.84 -0.76 -14.10
CA ILE B 409 -24.55 -1.18 -15.31
C ILE B 409 -23.65 -1.45 -16.51
N ALA B 410 -23.60 -2.70 -16.98
CA ALA B 410 -22.84 -3.06 -18.17
C ALA B 410 -23.80 -3.14 -19.35
N VAL B 411 -23.50 -2.41 -20.42
CA VAL B 411 -24.40 -2.40 -21.57
C VAL B 411 -23.68 -3.02 -22.79
N ALA B 412 -24.36 -3.98 -23.41
CA ALA B 412 -23.85 -4.72 -24.57
C ALA B 412 -24.82 -4.62 -25.76
N SER B 413 -24.41 -5.08 -26.94
CA SER B 413 -25.28 -5.07 -28.12
C SER B 413 -24.97 -6.21 -29.05
N ASP B 414 -26.00 -6.97 -29.42
CA ASP B 414 -25.89 -8.06 -30.39
C ASP B 414 -25.97 -7.50 -31.82
N GLU B 415 -26.71 -6.40 -32.02
CA GLU B 415 -26.93 -5.78 -33.33
C GLU B 415 -25.83 -4.81 -33.75
N LEU B 416 -25.25 -4.05 -32.80
CA LEU B 416 -24.25 -3.01 -33.07
C LEU B 416 -22.89 -3.26 -32.44
N ASN B 417 -21.88 -2.49 -32.89
CA ASN B 417 -20.52 -2.48 -32.32
C ASN B 417 -20.58 -1.56 -31.09
N ILE B 418 -20.67 -2.17 -29.90
CA ILE B 418 -20.72 -1.48 -28.61
C ILE B 418 -19.47 -0.58 -28.36
N TYR B 419 -18.30 -1.00 -28.89
CA TYR B 419 -17.06 -0.21 -28.79
C TYR B 419 -17.17 1.13 -29.54
N GLN B 420 -18.02 1.19 -30.61
CA GLN B 420 -18.28 2.43 -31.36
C GLN B 420 -19.27 3.29 -30.61
N VAL B 421 -20.28 2.65 -29.97
CA VAL B 421 -21.28 3.33 -29.12
C VAL B 421 -20.53 4.03 -27.98
N MET B 422 -19.52 3.33 -27.42
CA MET B 422 -18.65 3.82 -26.34
C MET B 422 -17.82 5.01 -26.87
N GLU B 423 -17.24 4.86 -28.08
CA GLU B 423 -16.49 5.94 -28.75
C GLU B 423 -17.39 7.19 -28.93
N GLU B 424 -18.66 7.00 -29.35
CA GLU B 424 -19.60 8.11 -29.50
C GLU B 424 -19.89 8.81 -28.15
N MET B 425 -19.92 8.04 -27.05
CA MET B 425 -20.12 8.60 -25.71
C MET B 425 -18.90 9.38 -25.25
N ALA B 426 -17.69 8.83 -25.52
CA ALA B 426 -16.39 9.43 -25.18
C ALA B 426 -16.24 10.78 -25.87
N GLY B 427 -16.77 10.90 -27.09
CA GLY B 427 -16.80 12.14 -27.86
C GLY B 427 -17.59 13.22 -27.16
N ARG B 428 -18.66 12.82 -26.44
CA ARG B 428 -19.52 13.72 -25.66
C ARG B 428 -18.98 13.94 -24.23
N GLY B 429 -17.81 13.35 -23.94
CA GLY B 429 -17.15 13.56 -22.66
C GLY B 429 -17.21 12.45 -21.64
N TRP B 430 -17.91 11.36 -21.93
CA TRP B 430 -18.09 10.23 -21.01
C TRP B 430 -16.82 9.39 -20.85
N ARG B 431 -16.49 9.01 -19.59
CA ARG B 431 -15.30 8.19 -19.30
C ARG B 431 -15.84 6.92 -18.72
N LEU B 432 -16.07 5.93 -19.62
CA LEU B 432 -16.70 4.64 -19.30
C LEU B 432 -15.67 3.53 -19.32
N ASN B 433 -15.95 2.44 -18.64
CA ASN B 433 -15.00 1.31 -18.61
C ASN B 433 -15.32 0.34 -19.74
N GLY B 434 -14.33 0.09 -20.60
CA GLY B 434 -14.44 -0.87 -21.68
C GLY B 434 -14.22 -2.29 -21.20
N LEU B 435 -15.16 -3.18 -21.51
CA LEU B 435 -15.12 -4.57 -21.09
C LEU B 435 -15.03 -5.47 -22.30
N HIS B 436 -14.65 -6.73 -22.09
CA HIS B 436 -14.60 -7.74 -23.14
C HIS B 436 -15.07 -9.06 -22.54
N ARG B 437 -15.27 -10.10 -23.38
CA ARG B 437 -15.78 -11.41 -22.94
C ARG B 437 -17.10 -11.28 -22.12
N PRO B 438 -18.19 -10.67 -22.67
CA PRO B 438 -18.37 -10.17 -24.05
C PRO B 438 -18.04 -8.69 -24.26
N PRO B 439 -17.85 -8.20 -25.50
CA PRO B 439 -17.67 -6.75 -25.70
C PRO B 439 -18.86 -6.01 -25.07
N ALA B 440 -18.55 -4.97 -24.29
CA ALA B 440 -19.50 -4.16 -23.54
C ALA B 440 -18.75 -2.97 -22.93
N PHE B 441 -19.48 -2.01 -22.34
CA PHE B 441 -18.94 -0.95 -21.52
C PHE B 441 -19.76 -0.92 -20.24
N HIS B 442 -19.26 -0.30 -19.17
CA HIS B 442 -20.08 -0.18 -17.96
C HIS B 442 -20.02 1.22 -17.36
N VAL B 443 -21.03 1.54 -16.55
CA VAL B 443 -21.15 2.76 -15.75
C VAL B 443 -21.30 2.32 -14.30
N ALA B 444 -20.33 2.66 -13.45
CA ALA B 444 -20.41 2.46 -12.02
C ALA B 444 -20.95 3.79 -11.48
N LEU B 445 -22.22 3.82 -11.06
CA LEU B 445 -22.82 5.07 -10.62
C LEU B 445 -22.39 5.46 -9.23
N THR B 446 -22.12 6.75 -9.04
CA THR B 446 -21.63 7.33 -7.78
C THR B 446 -22.52 8.53 -7.42
N LEU B 447 -22.23 9.17 -6.30
CA LEU B 447 -22.92 10.37 -5.94
C LEU B 447 -22.80 11.48 -6.96
N ARG B 448 -21.76 11.45 -7.78
CA ARG B 448 -21.57 12.41 -8.89
C ARG B 448 -22.68 12.29 -9.98
N HIS B 449 -23.24 11.09 -10.20
CA HIS B 449 -24.32 10.88 -11.18
C HIS B 449 -25.74 11.12 -10.59
N THR B 450 -25.81 11.38 -9.29
CA THR B 450 -27.06 11.64 -8.58
C THR B 450 -27.36 13.15 -8.60
N GLU B 451 -26.45 13.95 -9.19
CA GLU B 451 -26.58 15.39 -9.31
C GLU B 451 -27.60 15.73 -10.42
N PRO B 452 -28.31 16.87 -10.32
CA PRO B 452 -29.31 17.24 -11.35
C PRO B 452 -28.91 17.11 -12.82
N GLY B 453 -29.66 16.28 -13.55
CA GLY B 453 -29.55 16.04 -14.99
C GLY B 453 -28.40 15.19 -15.53
N VAL B 454 -27.58 14.54 -14.67
CA VAL B 454 -26.43 13.75 -15.15
C VAL B 454 -26.90 12.48 -15.92
N VAL B 455 -27.88 11.76 -15.38
CA VAL B 455 -28.49 10.55 -15.97
C VAL B 455 -29.28 10.95 -17.22
N ASP B 456 -29.98 12.10 -17.19
CA ASP B 456 -30.74 12.61 -18.34
C ASP B 456 -29.82 12.95 -19.49
N ARG B 457 -28.65 13.57 -19.18
CA ARG B 457 -27.58 13.89 -20.14
C ARG B 457 -27.02 12.56 -20.72
N PHE B 458 -26.73 11.59 -19.84
CA PHE B 458 -26.24 10.26 -20.22
C PHE B 458 -27.16 9.59 -21.25
N LEU B 459 -28.48 9.57 -20.98
CA LEU B 459 -29.45 8.89 -21.84
C LEU B 459 -29.66 9.60 -23.18
N ALA B 460 -29.62 10.95 -23.18
CA ALA B 460 -29.70 11.73 -24.43
C ALA B 460 -28.47 11.45 -25.30
N ASP B 461 -27.27 11.44 -24.70
CA ASP B 461 -26.02 11.15 -25.41
C ASP B 461 -25.98 9.70 -25.93
N LEU B 462 -26.53 8.79 -25.14
CA LEU B 462 -26.65 7.40 -25.48
C LEU B 462 -27.65 7.12 -26.60
N GLN B 463 -28.79 7.81 -26.62
CA GLN B 463 -29.76 7.78 -27.72
C GLN B 463 -29.09 8.29 -29.03
N ASP B 464 -28.33 9.39 -28.97
CA ASP B 464 -27.58 9.91 -30.13
C ASP B 464 -26.44 8.98 -30.56
N ALA B 465 -25.72 8.37 -29.60
CA ALA B 465 -24.64 7.43 -29.90
C ALA B 465 -25.20 6.23 -30.69
N VAL B 466 -26.37 5.70 -30.24
CA VAL B 466 -27.00 4.56 -30.89
C VAL B 466 -27.51 4.89 -32.31
N ALA B 467 -28.12 6.07 -32.50
CA ALA B 467 -28.64 6.50 -33.80
C ALA B 467 -27.50 6.65 -34.80
N GLN B 468 -26.34 7.13 -34.34
CA GLN B 468 -25.14 7.30 -35.19
C GLN B 468 -24.54 5.96 -35.64
N VAL B 469 -24.42 5.01 -34.71
CA VAL B 469 -23.91 3.66 -34.99
C VAL B 469 -24.91 2.88 -35.88
N ARG B 470 -26.23 3.07 -35.68
CA ARG B 470 -27.25 2.41 -36.50
C ARG B 470 -27.21 2.92 -37.95
N ALA B 471 -26.96 4.23 -38.14
CA ALA B 471 -26.82 4.87 -39.44
C ALA B 471 -25.59 4.33 -40.19
N HIS B 472 -24.47 4.09 -39.47
CA HIS B 472 -23.19 3.61 -40.02
C HIS B 472 -22.66 2.38 -39.25
N PRO B 473 -23.20 1.15 -39.53
CA PRO B 473 -22.72 -0.05 -38.80
C PRO B 473 -21.23 -0.37 -38.94
N GLU B 474 -20.62 0.06 -40.05
CA GLU B 474 -19.20 -0.12 -40.37
C GLU B 474 -18.25 0.89 -39.69
N LYS B 475 -18.77 1.96 -39.07
CA LYS B 475 -17.97 2.99 -38.39
C LYS B 475 -17.15 2.43 -37.21
N ALA B 476 -15.85 2.76 -37.20
CA ALA B 476 -14.91 2.33 -36.18
C ALA B 476 -13.85 3.41 -36.09
N THR B 477 -14.06 4.36 -35.17
CA THR B 477 -13.18 5.51 -35.00
C THR B 477 -12.57 5.55 -33.61
N GLY B 478 -11.52 6.36 -33.46
CA GLY B 478 -10.82 6.60 -32.22
C GLY B 478 -10.36 5.33 -31.50
N MET B 479 -10.84 5.16 -30.29
CA MET B 479 -10.50 4.04 -29.44
C MET B 479 -11.23 2.74 -29.83
N ALA B 480 -12.38 2.82 -30.56
CA ALA B 480 -13.17 1.65 -30.96
C ALA B 480 -12.38 0.57 -31.77
N PRO B 481 -11.50 0.90 -32.77
CA PRO B 481 -10.70 -0.16 -33.41
C PRO B 481 -9.68 -0.78 -32.44
N VAL B 482 -9.17 0.01 -31.47
CA VAL B 482 -8.21 -0.47 -30.45
C VAL B 482 -8.85 -1.55 -29.56
N TYR B 483 -10.01 -1.23 -28.93
CA TYR B 483 -10.80 -2.17 -28.09
C TYR B 483 -11.14 -3.44 -28.87
N GLY B 484 -11.63 -3.27 -30.10
CA GLY B 484 -11.95 -4.36 -31.02
C GLY B 484 -10.78 -5.29 -31.27
N MET B 485 -9.62 -4.70 -31.62
CA MET B 485 -8.33 -5.39 -31.84
C MET B 485 -7.89 -6.14 -30.56
N ALA B 486 -7.94 -5.45 -29.39
CA ALA B 486 -7.56 -6.01 -28.10
C ALA B 486 -8.47 -7.18 -27.63
N ALA B 487 -9.79 -7.08 -27.88
CA ALA B 487 -10.75 -8.16 -27.56
C ALA B 487 -10.51 -9.38 -28.48
N ALA B 488 -9.96 -9.16 -29.69
CA ALA B 488 -9.68 -10.23 -30.66
C ALA B 488 -8.25 -10.83 -30.53
N ALA B 489 -7.31 -10.03 -29.96
CA ALA B 489 -5.88 -10.34 -29.83
C ALA B 489 -5.51 -11.61 -29.03
N PRO B 490 -4.42 -12.33 -29.44
CA PRO B 490 -3.96 -13.49 -28.63
C PRO B 490 -3.40 -12.97 -27.29
N PRO B 491 -3.45 -13.76 -26.18
CA PRO B 491 -2.94 -13.24 -24.89
C PRO B 491 -1.50 -12.74 -24.87
N GLU B 492 -0.58 -13.37 -25.65
CA GLU B 492 0.82 -12.95 -25.69
C GLU B 492 0.97 -11.52 -26.25
N LEU B 493 0.09 -11.12 -27.22
CA LEU B 493 0.08 -9.77 -27.77
C LEU B 493 -0.52 -8.78 -26.75
N VAL B 494 -1.54 -9.23 -25.99
CA VAL B 494 -2.14 -8.40 -24.94
C VAL B 494 -1.07 -8.06 -23.90
N ARG B 495 -0.28 -9.08 -23.48
CA ARG B 495 0.82 -8.93 -22.53
C ARG B 495 1.87 -7.93 -23.05
N GLN B 496 2.28 -8.09 -24.32
CA GLN B 496 3.22 -7.22 -25.01
C GLN B 496 2.76 -5.74 -25.06
N VAL B 497 1.53 -5.48 -25.52
CA VAL B 497 1.00 -4.12 -25.67
C VAL B 497 0.82 -3.44 -24.29
N SER B 498 0.31 -4.19 -23.29
CA SER B 498 0.09 -3.70 -21.92
C SER B 498 1.42 -3.39 -21.22
N THR B 499 2.50 -4.16 -21.52
CA THR B 499 3.83 -3.91 -20.96
C THR B 499 4.34 -2.55 -21.49
N GLY B 500 4.20 -2.34 -22.81
CA GLY B 500 4.58 -1.12 -23.49
C GLY B 500 3.79 0.07 -22.96
N PHE B 501 2.51 -0.17 -22.61
CA PHE B 501 1.60 0.84 -22.05
C PHE B 501 2.08 1.32 -20.68
N ILE B 502 2.51 0.39 -19.82
CA ILE B 502 3.07 0.72 -18.51
C ILE B 502 4.41 1.46 -18.71
N ASP B 503 5.29 0.97 -19.62
CA ASP B 503 6.56 1.67 -19.93
C ASP B 503 6.30 3.10 -20.41
N LEU B 504 5.24 3.29 -21.24
CA LEU B 504 4.78 4.58 -21.76
C LEU B 504 4.40 5.53 -20.60
N LEU B 505 3.74 5.00 -19.54
CA LEU B 505 3.30 5.79 -18.39
C LEU B 505 4.45 6.37 -17.57
N TYR B 506 5.61 5.69 -17.54
CA TYR B 506 6.78 6.13 -16.80
C TYR B 506 7.82 6.89 -17.66
N GLU B 507 7.48 7.19 -18.91
CA GLU B 507 8.33 7.89 -19.86
C GLU B 507 8.33 9.39 -19.56
N VAL B 508 9.54 10.00 -19.47
CA VAL B 508 9.70 11.44 -19.18
C VAL B 508 9.94 12.24 -20.48
#